data_5B1H
#
_entry.id   5B1H
#
_cell.length_a   139.890
_cell.length_b   146.340
_cell.length_c   82.790
_cell.angle_alpha   90.00
_cell.angle_beta   90.00
_cell.angle_gamma   90.00
#
_symmetry.space_group_name_H-M   'C 1 2 1'
#
loop_
_entity.id
_entity.type
_entity.pdbx_description
1 polymer 'Cystathionine beta-synthase'
2 non-polymer 'SULFATE ION'
3 non-polymer GLYCEROL
4 water water
#
_entity_poly.entity_id   1
_entity_poly.type   'polypeptide(L)'
_entity_poly.pdbx_seq_one_letter_code
;MLIQHVQELIGHTPLMALPIEVPNHSHIYAKLEMFNPGGSI(LLP)DRLGAYLIEDGLQRGRVNAKTTIIEPTAGNTGIG
LALATQAHHLRTILVVPEKFSMEKQVLMQALGAEIVHTPSEEGIKGAIRKAEALAATISNSYVPMQFKNPANPAAYYHTL
APEILADMPAPITAFVAGAGSGGTFAGVAAYLQAQDSATKAVVVEPEGSILNGGPAHAHRTEGIGVEFIPPFFDQVRIDQ
TLTIADNDAFAQVRHLARDHGLLIGSSSGAALAASLQLATNLPANSHIVTIFPDSSERYLSQKIYTKLEHHHHHH
;
_entity_poly.pdbx_strand_id   A,B,C,D
#
# COMPACT_ATOMS: atom_id res chain seq x y z
N MET A 1 2.25 -1.22 8.27
CA MET A 1 2.86 -0.39 7.20
C MET A 1 4.07 0.39 7.72
N LEU A 2 4.88 -0.25 8.56
CA LEU A 2 6.07 0.39 9.10
C LEU A 2 7.21 0.28 8.11
N ILE A 3 7.87 1.39 7.82
CA ILE A 3 9.00 1.37 6.89
C ILE A 3 10.12 2.15 7.52
N GLN A 4 11.33 1.97 6.98
CA GLN A 4 12.51 2.65 7.49
C GLN A 4 13.14 3.57 6.45
N HIS A 5 12.75 3.38 5.19
CA HIS A 5 13.27 4.18 4.09
C HIS A 5 12.22 4.40 3.01
N VAL A 6 12.26 5.59 2.43
CA VAL A 6 11.34 5.99 1.39
C VAL A 6 11.38 5.02 0.20
N GLN A 7 12.53 4.39 -0.03
CA GLN A 7 12.70 3.44 -1.12
C GLN A 7 11.76 2.25 -0.98
N GLU A 8 11.34 1.95 0.24
CA GLU A 8 10.44 0.83 0.47
C GLU A 8 9.08 1.13 -0.16
N LEU A 9 8.87 2.39 -0.53
CA LEU A 9 7.60 2.80 -1.14
C LEU A 9 7.62 2.83 -2.66
N ILE A 10 8.77 2.53 -3.26
CA ILE A 10 8.88 2.53 -4.72
C ILE A 10 8.22 1.27 -5.27
N GLY A 11 7.42 1.43 -6.32
CA GLY A 11 6.77 0.28 -6.92
C GLY A 11 5.50 -0.19 -6.26
N HIS A 12 4.96 -1.31 -6.73
CA HIS A 12 3.73 -1.87 -6.20
C HIS A 12 2.66 -0.80 -6.17
N THR A 13 2.65 -0.02 -7.23
CA THR A 13 1.70 1.06 -7.41
C THR A 13 0.32 0.48 -7.74
N PRO A 14 -0.74 1.22 -7.43
CA PRO A 14 -2.07 0.70 -7.74
C PRO A 14 -2.37 0.65 -9.23
N LEU A 15 -3.21 -0.32 -9.61
CA LEU A 15 -3.67 -0.45 -10.97
C LEU A 15 -5.14 -0.05 -10.85
N MET A 16 -5.52 1.02 -11.52
CA MET A 16 -6.90 1.50 -11.43
C MET A 16 -7.79 1.22 -12.64
N ALA A 17 -8.90 0.54 -12.38
CA ALA A 17 -9.87 0.23 -13.43
C ALA A 17 -10.64 1.55 -13.55
N LEU A 18 -10.33 2.34 -14.56
CA LEU A 18 -10.98 3.63 -14.74
C LEU A 18 -12.50 3.59 -14.86
N PRO A 19 -13.21 4.22 -13.91
CA PRO A 19 -14.67 4.24 -13.94
C PRO A 19 -15.17 5.32 -14.89
N ILE A 20 -14.82 5.18 -16.16
CA ILE A 20 -15.21 6.15 -17.17
C ILE A 20 -15.88 5.46 -18.36
N GLU A 21 -16.43 6.26 -19.27
CA GLU A 21 -17.09 5.73 -20.45
C GLU A 21 -16.01 5.29 -21.42
N VAL A 22 -16.05 4.02 -21.82
CA VAL A 22 -15.09 3.48 -22.75
C VAL A 22 -15.82 2.92 -23.96
N PRO A 23 -15.32 3.22 -25.18
CA PRO A 23 -15.98 2.70 -26.38
C PRO A 23 -16.13 1.18 -26.39
N ASN A 24 -17.21 0.70 -27.01
CA ASN A 24 -17.48 -0.73 -27.13
C ASN A 24 -17.51 -1.51 -25.82
N HIS A 25 -18.00 -0.86 -24.77
CA HIS A 25 -18.09 -1.49 -23.46
C HIS A 25 -16.78 -2.13 -22.99
N SER A 26 -15.65 -1.54 -23.36
CA SER A 26 -14.38 -2.09 -22.96
C SER A 26 -13.88 -1.49 -21.64
N HIS A 27 -12.70 -1.91 -21.21
CA HIS A 27 -12.17 -1.40 -19.95
C HIS A 27 -10.71 -0.98 -20.00
N ILE A 28 -10.43 0.19 -19.43
CA ILE A 28 -9.08 0.73 -19.39
C ILE A 28 -8.55 0.77 -17.95
N TYR A 29 -7.38 0.16 -17.75
CA TYR A 29 -6.71 0.12 -16.44
C TYR A 29 -5.42 0.93 -16.52
N ALA A 30 -5.17 1.76 -15.52
CA ALA A 30 -3.96 2.59 -15.51
C ALA A 30 -3.08 2.38 -14.27
N LYS A 31 -1.78 2.25 -14.48
CA LYS A 31 -0.85 2.10 -13.38
C LYS A 31 -0.57 3.52 -12.90
N LEU A 32 -0.93 3.79 -11.65
CA LEU A 32 -0.74 5.11 -11.07
C LEU A 32 0.66 5.24 -10.48
N GLU A 33 1.62 5.54 -11.36
CA GLU A 33 3.02 5.66 -10.99
C GLU A 33 3.39 6.94 -10.23
N MET A 34 2.44 7.88 -10.13
CA MET A 34 2.69 9.12 -9.43
C MET A 34 2.70 8.90 -7.92
N PHE A 35 2.33 7.68 -7.50
CA PHE A 35 2.32 7.37 -6.08
C PHE A 35 3.66 6.87 -5.56
N ASN A 36 4.68 6.95 -6.40
CA ASN A 36 6.02 6.57 -6.00
C ASN A 36 6.51 7.71 -5.11
N PRO A 37 7.46 7.43 -4.21
CA PRO A 37 7.96 8.48 -3.30
C PRO A 37 8.49 9.72 -4.01
N GLY A 38 9.08 9.51 -5.19
CA GLY A 38 9.63 10.61 -5.96
C GLY A 38 8.60 11.26 -6.86
N GLY A 39 7.35 10.80 -6.77
CA GLY A 39 6.29 11.38 -7.58
C GLY A 39 6.17 10.93 -9.02
N SER A 40 6.97 9.94 -9.43
CA SER A 40 6.89 9.47 -10.81
C SER A 40 7.44 8.06 -10.98
N ILE A 41 7.15 7.47 -12.14
CA ILE A 41 7.60 6.13 -12.49
C ILE A 41 9.12 6.04 -12.52
N ASP A 43 11.19 6.69 -10.36
CA ASP A 43 11.80 6.21 -9.12
C ASP A 43 12.30 4.80 -9.41
N ARG A 44 11.55 4.08 -10.25
CA ARG A 44 11.89 2.71 -10.61
C ARG A 44 13.19 2.67 -11.44
N LEU A 45 13.29 3.55 -12.43
CA LEU A 45 14.46 3.61 -13.31
C LEU A 45 15.75 4.01 -12.60
N GLY A 46 15.68 5.04 -11.77
CA GLY A 46 16.85 5.50 -11.05
C GLY A 46 17.48 4.38 -10.26
N ALA A 47 16.65 3.70 -9.47
CA ALA A 47 17.11 2.59 -8.65
C ALA A 47 17.79 1.50 -9.47
N TYR A 48 17.14 1.10 -10.56
CA TYR A 48 17.68 0.06 -11.40
C TYR A 48 18.97 0.47 -12.11
N LEU A 49 19.00 1.69 -12.64
CA LEU A 49 20.20 2.17 -13.32
C LEU A 49 21.40 2.15 -12.39
N ILE A 50 21.22 2.48 -11.12
CA ILE A 50 22.34 2.48 -10.19
C ILE A 50 22.72 1.05 -9.77
N GLU A 51 21.73 0.20 -9.63
CA GLU A 51 21.97 -1.20 -9.25
C GLU A 51 22.75 -1.86 -10.38
N ASP A 52 22.33 -1.58 -11.61
CA ASP A 52 22.97 -2.15 -12.78
C ASP A 52 24.41 -1.64 -12.91
N GLY A 53 24.62 -0.37 -12.60
CA GLY A 53 25.95 0.20 -12.68
C GLY A 53 26.89 -0.44 -11.68
N LEU A 54 26.36 -0.72 -10.48
CA LEU A 54 27.16 -1.34 -9.44
C LEU A 54 27.50 -2.78 -9.80
N GLN A 55 26.52 -3.50 -10.35
CA GLN A 55 26.72 -4.89 -10.73
C GLN A 55 27.73 -5.06 -11.86
N ARG A 56 27.73 -4.13 -12.80
CA ARG A 56 28.65 -4.20 -13.94
C ARG A 56 30.04 -3.72 -13.57
N GLY A 57 30.23 -3.39 -12.28
CA GLY A 57 31.51 -2.91 -11.82
C GLY A 57 31.93 -1.56 -12.39
N ARG A 58 30.96 -0.76 -12.79
CA ARG A 58 31.24 0.56 -13.35
C ARG A 58 31.10 1.67 -12.33
N VAL A 59 30.71 1.33 -11.11
CA VAL A 59 30.52 2.32 -10.06
C VAL A 59 31.04 1.85 -8.72
N ASN A 60 31.75 2.73 -8.00
CA ASN A 60 32.24 2.38 -6.67
C ASN A 60 31.81 3.48 -5.70
N ALA A 61 32.09 3.30 -4.42
CA ALA A 61 31.68 4.27 -3.40
C ALA A 61 32.01 5.74 -3.67
N LYS A 62 33.12 5.99 -4.35
CA LYS A 62 33.54 7.36 -4.63
C LYS A 62 33.13 7.90 -6.00
N THR A 63 32.53 7.05 -6.84
CA THR A 63 32.14 7.45 -8.18
C THR A 63 31.17 8.64 -8.27
N THR A 64 31.37 9.49 -9.27
CA THR A 64 30.48 10.62 -9.48
C THR A 64 29.52 10.21 -10.59
N ILE A 65 28.23 10.14 -10.27
CA ILE A 65 27.21 9.77 -11.25
C ILE A 65 26.83 11.03 -12.03
N ILE A 66 26.89 10.95 -13.36
CA ILE A 66 26.56 12.08 -14.22
C ILE A 66 25.50 11.67 -15.23
N GLU A 67 24.37 12.38 -15.25
CA GLU A 67 23.30 12.03 -16.17
C GLU A 67 22.56 13.21 -16.81
N PRO A 68 22.33 13.14 -18.13
CA PRO A 68 21.61 14.21 -18.84
C PRO A 68 20.13 13.90 -18.64
N THR A 69 19.36 14.89 -18.18
CA THR A 69 17.93 14.68 -17.94
C THR A 69 17.14 15.95 -18.10
N ALA A 70 15.94 15.81 -18.66
CA ALA A 70 15.05 16.94 -18.87
C ALA A 70 13.79 16.78 -18.01
N GLY A 71 13.91 16.05 -16.90
CA GLY A 71 12.74 15.87 -16.06
C GLY A 71 12.83 14.93 -14.86
N ASN A 72 11.85 14.04 -14.78
CA ASN A 72 11.72 13.08 -13.69
C ASN A 72 12.88 12.11 -13.48
N THR A 73 13.65 11.79 -14.52
CA THR A 73 14.74 10.85 -14.31
C THR A 73 15.72 11.45 -13.30
N GLY A 74 15.97 12.74 -13.40
CA GLY A 74 16.87 13.39 -12.47
C GLY A 74 16.45 13.18 -11.03
N ILE A 75 15.13 13.20 -10.78
CA ILE A 75 14.58 13.00 -9.45
C ILE A 75 14.72 11.55 -9.02
N GLY A 76 14.27 10.63 -9.88
CA GLY A 76 14.36 9.21 -9.58
C GLY A 76 15.79 8.76 -9.33
N LEU A 77 16.73 9.28 -10.13
CA LEU A 77 18.14 8.93 -9.98
C LEU A 77 18.70 9.53 -8.68
N ALA A 78 18.42 10.80 -8.41
CA ALA A 78 18.92 11.44 -7.20
C ALA A 78 18.48 10.68 -5.95
N LEU A 79 17.29 10.09 -6.01
CA LEU A 79 16.73 9.32 -4.89
C LEU A 79 17.59 8.07 -4.71
N ALA A 80 17.90 7.41 -5.82
CA ALA A 80 18.69 6.20 -5.77
C ALA A 80 20.15 6.47 -5.39
N THR A 81 20.73 7.55 -5.89
CA THR A 81 22.13 7.85 -5.57
C THR A 81 22.27 8.21 -4.09
N GLN A 82 21.24 8.87 -3.57
CA GLN A 82 21.19 9.26 -2.16
C GLN A 82 21.30 8.03 -1.27
N ALA A 83 20.53 7.00 -1.61
CA ALA A 83 20.51 5.74 -0.86
C ALA A 83 21.87 5.07 -0.82
N HIS A 84 22.65 5.24 -1.89
CA HIS A 84 23.98 4.66 -1.98
C HIS A 84 25.10 5.64 -1.66
N HIS A 85 24.75 6.85 -1.20
CA HIS A 85 25.77 7.85 -0.88
C HIS A 85 26.68 8.12 -2.08
N LEU A 86 26.07 8.25 -3.25
CA LEU A 86 26.83 8.50 -4.47
C LEU A 86 26.71 9.95 -4.91
N ARG A 87 27.85 10.59 -5.13
CA ARG A 87 27.89 11.97 -5.58
C ARG A 87 27.13 12.04 -6.90
N THR A 88 26.33 13.08 -7.10
CA THR A 88 25.53 13.19 -8.30
C THR A 88 25.51 14.54 -9.01
N ILE A 89 25.74 14.49 -10.31
CA ILE A 89 25.71 15.68 -11.16
C ILE A 89 24.64 15.44 -12.23
N LEU A 90 23.68 16.34 -12.33
CA LEU A 90 22.63 16.20 -13.34
C LEU A 90 22.75 17.35 -14.33
N VAL A 91 22.82 17.03 -15.61
CA VAL A 91 22.94 18.03 -16.66
C VAL A 91 21.57 18.21 -17.29
N VAL A 92 20.99 19.40 -17.14
CA VAL A 92 19.66 19.68 -17.67
C VAL A 92 19.53 21.04 -18.36
N PRO A 93 18.77 21.10 -19.46
CA PRO A 93 18.56 22.36 -20.20
C PRO A 93 18.09 23.45 -19.24
N GLU A 94 18.65 24.65 -19.42
CA GLU A 94 18.38 25.80 -18.58
C GLU A 94 17.02 26.01 -17.92
N LYS A 95 15.98 26.23 -18.72
CA LYS A 95 14.67 26.45 -18.13
C LYS A 95 13.67 25.31 -18.33
N PHE A 96 14.18 24.08 -18.32
CA PHE A 96 13.33 22.91 -18.48
C PHE A 96 12.84 22.43 -17.12
N SER A 97 11.53 22.42 -16.94
CA SER A 97 10.90 21.96 -15.70
C SER A 97 11.41 22.63 -14.42
N MET A 98 10.84 23.78 -14.09
CA MET A 98 11.23 24.52 -12.90
C MET A 98 11.07 23.69 -11.64
N GLU A 99 9.86 23.20 -11.40
CA GLU A 99 9.56 22.40 -10.22
C GLU A 99 10.47 21.18 -10.06
N LYS A 100 10.75 20.49 -11.16
CA LYS A 100 11.59 19.31 -11.11
C LYS A 100 13.03 19.61 -10.70
N GLN A 101 13.54 20.77 -11.10
CA GLN A 101 14.91 21.15 -10.77
C GLN A 101 15.04 21.44 -9.29
N VAL A 102 14.01 22.05 -8.69
CA VAL A 102 14.06 22.33 -7.27
C VAL A 102 14.18 20.99 -6.53
N LEU A 103 13.37 20.02 -6.93
CA LEU A 103 13.40 18.70 -6.29
C LEU A 103 14.74 18.00 -6.49
N MET A 104 15.29 18.11 -7.69
CA MET A 104 16.57 17.51 -8.00
C MET A 104 17.64 18.01 -7.05
N GLN A 105 17.64 19.32 -6.80
CA GLN A 105 18.63 19.93 -5.91
C GLN A 105 18.31 19.64 -4.46
N ALA A 106 17.02 19.57 -4.13
CA ALA A 106 16.62 19.30 -2.76
C ALA A 106 17.08 17.91 -2.36
N LEU A 107 17.18 17.01 -3.34
CA LEU A 107 17.61 15.65 -3.07
C LEU A 107 19.14 15.50 -3.09
N GLY A 108 19.85 16.63 -3.16
CA GLY A 108 21.30 16.58 -3.13
C GLY A 108 22.06 16.53 -4.42
N ALA A 109 21.38 16.55 -5.54
CA ALA A 109 22.07 16.53 -6.82
C ALA A 109 22.61 17.91 -7.15
N GLU A 110 23.75 17.96 -7.82
CA GLU A 110 24.36 19.21 -8.24
C GLU A 110 23.98 19.36 -9.71
N ILE A 111 23.41 20.50 -10.08
CA ILE A 111 22.98 20.73 -11.44
C ILE A 111 23.90 21.60 -12.30
N VAL A 112 24.05 21.20 -13.56
CA VAL A 112 24.85 21.94 -14.53
C VAL A 112 23.87 22.24 -15.66
N HIS A 113 23.81 23.50 -16.08
CA HIS A 113 22.88 23.89 -17.13
C HIS A 113 23.47 23.98 -18.53
N THR A 114 22.67 23.58 -19.51
CA THR A 114 23.05 23.65 -20.91
C THR A 114 21.96 24.51 -21.54
N PRO A 115 22.28 25.23 -22.64
CA PRO A 115 21.29 26.08 -23.32
C PRO A 115 19.97 25.38 -23.64
N SER A 116 18.87 26.09 -23.37
CA SER A 116 17.54 25.57 -23.61
C SER A 116 17.33 25.20 -25.08
N GLU A 117 17.92 25.98 -25.97
CA GLU A 117 17.77 25.75 -27.41
C GLU A 117 18.38 24.43 -27.88
N GLU A 118 19.38 23.92 -27.16
CA GLU A 118 20.02 22.68 -27.55
C GLU A 118 19.19 21.45 -27.15
N GLY A 119 18.29 21.65 -26.21
CA GLY A 119 17.46 20.54 -25.76
C GLY A 119 18.24 19.44 -25.05
N ILE A 120 17.63 18.26 -25.00
CA ILE A 120 18.25 17.11 -24.35
C ILE A 120 19.55 16.73 -25.05
N LYS A 121 19.62 16.98 -26.35
CA LYS A 121 20.81 16.66 -27.12
C LYS A 121 22.00 17.44 -26.58
N GLY A 122 21.74 18.68 -26.18
CA GLY A 122 22.80 19.50 -25.63
C GLY A 122 23.25 18.95 -24.29
N ALA A 123 22.28 18.59 -23.44
CA ALA A 123 22.58 18.04 -22.13
C ALA A 123 23.37 16.73 -22.25
N ILE A 124 23.04 15.92 -23.25
CA ILE A 124 23.76 14.65 -23.43
C ILE A 124 25.23 14.89 -23.73
N ARG A 125 25.50 15.80 -24.65
CA ARG A 125 26.86 16.14 -25.07
C ARG A 125 27.69 16.66 -23.90
N LYS A 126 27.11 17.52 -23.08
CA LYS A 126 27.82 18.09 -21.93
C LYS A 126 28.04 17.02 -20.85
N ALA A 127 27.11 16.07 -20.74
CA ALA A 127 27.22 15.02 -19.75
C ALA A 127 28.42 14.16 -20.07
N GLU A 128 28.65 13.92 -21.36
CA GLU A 128 29.77 13.12 -21.80
C GLU A 128 31.10 13.87 -21.67
N ALA A 129 31.05 15.18 -21.90
CA ALA A 129 32.24 16.01 -21.79
C ALA A 129 32.65 16.12 -20.32
N LEU A 130 31.66 16.34 -19.45
CA LEU A 130 31.92 16.43 -18.03
C LEU A 130 32.48 15.10 -17.55
N ALA A 131 31.92 14.01 -18.06
CA ALA A 131 32.40 12.69 -17.67
C ALA A 131 33.87 12.54 -18.02
N ALA A 132 34.26 13.10 -19.16
CA ALA A 132 35.65 13.04 -19.62
C ALA A 132 36.61 13.80 -18.70
N THR A 133 36.09 14.77 -17.95
CA THR A 133 36.92 15.54 -17.02
C THR A 133 36.91 15.00 -15.58
N ILE A 134 36.24 13.86 -15.37
CA ILE A 134 36.19 13.25 -14.04
C ILE A 134 36.51 11.76 -14.22
N SER A 135 37.71 11.38 -13.79
CA SER A 135 38.16 10.00 -13.94
C SER A 135 37.21 8.94 -13.37
N ASN A 136 36.81 9.11 -12.12
CA ASN A 136 35.90 8.14 -11.50
C ASN A 136 34.46 8.61 -11.65
N SER A 137 33.92 8.41 -12.85
CA SER A 137 32.56 8.80 -13.13
C SER A 137 31.79 7.71 -13.87
N TYR A 138 30.46 7.84 -13.89
CA TYR A 138 29.60 6.89 -14.58
C TYR A 138 28.41 7.62 -15.16
N VAL A 139 28.15 7.39 -16.44
CA VAL A 139 27.03 8.02 -17.10
C VAL A 139 25.99 6.94 -17.42
N PRO A 140 24.95 6.83 -16.59
CA PRO A 140 23.93 5.80 -16.85
C PRO A 140 23.47 5.82 -18.30
N MET A 141 23.30 7.02 -18.85
CA MET A 141 22.87 7.18 -20.23
C MET A 141 21.53 6.48 -20.44
N GLN A 142 20.47 7.02 -19.84
CA GLN A 142 19.13 6.45 -19.93
C GLN A 142 18.63 6.22 -21.34
N PHE A 143 19.03 7.06 -22.28
CA PHE A 143 18.55 6.93 -23.66
C PHE A 143 19.12 5.78 -24.47
N LYS A 144 20.22 5.19 -24.02
CA LYS A 144 20.82 4.08 -24.75
C LYS A 144 21.00 2.83 -23.91
N ASN A 145 21.06 3.02 -22.59
CA ASN A 145 21.26 1.91 -21.68
C ASN A 145 20.07 0.97 -21.64
N PRO A 146 20.29 -0.31 -21.97
CA PRO A 146 19.18 -1.28 -21.96
C PRO A 146 18.66 -1.54 -20.55
N ALA A 147 19.42 -1.12 -19.54
CA ALA A 147 19.00 -1.31 -18.17
C ALA A 147 17.73 -0.46 -17.93
N ASN A 148 17.44 0.43 -18.86
CA ASN A 148 16.26 1.29 -18.76
C ASN A 148 15.01 0.41 -18.87
N PRO A 149 14.75 -0.18 -20.06
CA PRO A 149 13.55 -1.03 -20.18
C PRO A 149 13.57 -2.18 -19.19
N ALA A 150 14.76 -2.64 -18.84
CA ALA A 150 14.90 -3.75 -17.90
C ALA A 150 14.26 -3.40 -16.56
N ALA A 151 14.36 -2.12 -16.19
CA ALA A 151 13.82 -1.66 -14.91
C ALA A 151 12.33 -1.93 -14.77
N TYR A 152 11.60 -1.79 -15.85
CA TYR A 152 10.16 -2.00 -15.82
C TYR A 152 9.77 -3.44 -16.11
N TYR A 153 10.59 -4.09 -16.94
CA TYR A 153 10.37 -5.47 -17.33
C TYR A 153 10.28 -6.41 -16.13
N HIS A 154 11.08 -6.16 -15.11
CA HIS A 154 11.09 -7.03 -13.93
C HIS A 154 10.26 -6.57 -12.74
N THR A 155 9.70 -5.36 -12.81
CA THR A 155 8.92 -4.85 -11.71
C THR A 155 7.51 -4.45 -12.12
N LEU A 156 7.40 -3.31 -12.79
CA LEU A 156 6.11 -2.81 -13.24
C LEU A 156 5.29 -3.82 -14.05
N ALA A 157 5.89 -4.45 -15.04
CA ALA A 157 5.19 -5.43 -15.88
C ALA A 157 4.55 -6.55 -15.06
N PRO A 158 5.35 -7.29 -14.29
CA PRO A 158 4.74 -8.36 -13.49
C PRO A 158 3.64 -7.85 -12.57
N GLU A 159 3.82 -6.64 -12.03
CA GLU A 159 2.83 -6.03 -11.13
C GLU A 159 1.50 -5.89 -11.83
N ILE A 160 1.52 -5.57 -13.12
CA ILE A 160 0.29 -5.41 -13.89
C ILE A 160 -0.44 -6.74 -13.99
N LEU A 161 0.27 -7.80 -14.38
CA LEU A 161 -0.36 -9.10 -14.50
C LEU A 161 -0.96 -9.55 -13.18
N ALA A 162 -0.26 -9.29 -12.08
CA ALA A 162 -0.75 -9.70 -10.78
C ALA A 162 -2.07 -9.04 -10.38
N ASP A 163 -2.37 -7.87 -10.92
CA ASP A 163 -3.61 -7.19 -10.56
C ASP A 163 -4.70 -7.26 -11.61
N MET A 164 -4.33 -7.60 -12.84
CA MET A 164 -5.32 -7.67 -13.90
C MET A 164 -6.35 -8.75 -13.64
N PRO A 165 -7.65 -8.40 -13.73
CA PRO A 165 -8.74 -9.36 -13.51
C PRO A 165 -9.07 -10.14 -14.78
N ALA A 166 -8.37 -9.85 -15.86
CA ALA A 166 -8.60 -10.52 -17.14
C ALA A 166 -7.38 -10.42 -18.04
N PRO A 167 -7.36 -11.17 -19.15
CA PRO A 167 -6.22 -11.11 -20.07
C PRO A 167 -6.10 -9.72 -20.70
N ILE A 168 -4.87 -9.26 -20.92
CA ILE A 168 -4.66 -7.93 -21.51
C ILE A 168 -4.82 -7.97 -23.03
N THR A 169 -5.81 -7.25 -23.53
CA THR A 169 -6.03 -7.17 -24.97
C THR A 169 -4.94 -6.31 -25.59
N ALA A 170 -4.75 -5.11 -25.04
CA ALA A 170 -3.71 -4.21 -25.54
C ALA A 170 -3.02 -3.44 -24.43
N PHE A 171 -1.74 -3.16 -24.66
CA PHE A 171 -0.92 -2.39 -23.73
C PHE A 171 -0.63 -1.07 -24.45
N VAL A 172 -0.84 0.04 -23.74
CA VAL A 172 -0.64 1.37 -24.30
C VAL A 172 0.26 2.19 -23.37
N ALA A 173 1.26 2.85 -23.93
CA ALA A 173 2.17 3.69 -23.15
C ALA A 173 2.86 4.76 -24.00
N GLY A 174 3.06 5.93 -23.43
CA GLY A 174 3.72 7.00 -24.15
C GLY A 174 5.21 6.72 -24.21
N ALA A 175 5.87 7.16 -25.26
CA ALA A 175 7.30 6.92 -25.35
C ALA A 175 8.14 8.20 -25.39
N GLY A 176 9.04 8.30 -24.42
CA GLY A 176 9.96 9.42 -24.36
C GLY A 176 11.27 8.78 -24.79
N SER A 177 11.87 8.01 -23.89
CA SER A 177 13.09 7.30 -24.16
C SER A 177 12.67 5.94 -24.74
N GLY A 178 11.38 5.63 -24.57
CA GLY A 178 10.84 4.37 -25.04
C GLY A 178 11.05 3.23 -24.05
N GLY A 179 11.70 3.55 -22.93
CA GLY A 179 11.98 2.53 -21.93
C GLY A 179 10.78 1.87 -21.29
N THR A 180 9.83 2.66 -20.81
CA THR A 180 8.65 2.12 -20.16
C THR A 180 7.87 1.19 -21.09
N PHE A 181 7.54 1.67 -22.28
CA PHE A 181 6.79 0.89 -23.25
C PHE A 181 7.50 -0.41 -23.64
N ALA A 182 8.75 -0.30 -24.05
CA ALA A 182 9.53 -1.47 -24.46
C ALA A 182 9.72 -2.50 -23.37
N GLY A 183 10.01 -2.03 -22.16
CA GLY A 183 10.22 -2.94 -21.05
C GLY A 183 8.97 -3.70 -20.66
N VAL A 184 7.87 -2.98 -20.45
CA VAL A 184 6.60 -3.61 -20.07
C VAL A 184 6.05 -4.48 -21.20
N ALA A 185 5.97 -3.92 -22.40
CA ALA A 185 5.46 -4.65 -23.56
C ALA A 185 6.21 -5.97 -23.77
N ALA A 186 7.53 -5.90 -23.78
CA ALA A 186 8.32 -7.11 -23.98
C ALA A 186 7.94 -8.19 -22.97
N TYR A 187 7.67 -7.80 -21.73
CA TYR A 187 7.30 -8.77 -20.71
C TYR A 187 5.88 -9.29 -20.87
N LEU A 188 4.96 -8.38 -21.16
CA LEU A 188 3.58 -8.77 -21.34
C LEU A 188 3.46 -9.73 -22.52
N GLN A 189 4.04 -9.34 -23.65
CA GLN A 189 4.00 -10.17 -24.86
C GLN A 189 4.69 -11.50 -24.68
N ALA A 190 5.73 -11.53 -23.84
CA ALA A 190 6.45 -12.77 -23.59
C ALA A 190 5.46 -13.71 -22.89
N GLN A 191 4.66 -13.15 -21.99
CA GLN A 191 3.66 -13.90 -21.23
C GLN A 191 2.51 -14.33 -22.13
N ASP A 192 2.11 -13.44 -23.04
CA ASP A 192 0.99 -13.71 -23.94
C ASP A 192 1.15 -12.94 -25.26
N SER A 193 1.66 -13.65 -26.27
CA SER A 193 1.89 -13.07 -27.59
C SER A 193 0.67 -12.38 -28.19
N ALA A 194 -0.52 -12.74 -27.74
CA ALA A 194 -1.73 -12.14 -28.25
C ALA A 194 -1.87 -10.67 -27.84
N THR A 195 -1.16 -10.29 -26.79
CA THR A 195 -1.23 -8.92 -26.29
C THR A 195 -0.62 -7.92 -27.28
N LYS A 196 -1.43 -6.95 -27.68
CA LYS A 196 -0.99 -5.93 -28.61
C LYS A 196 -0.25 -4.83 -27.86
N ALA A 197 0.84 -4.35 -28.46
CA ALA A 197 1.63 -3.28 -27.86
C ALA A 197 1.42 -2.04 -28.73
N VAL A 198 0.98 -0.95 -28.11
CA VAL A 198 0.71 0.29 -28.83
C VAL A 198 1.48 1.48 -28.25
N VAL A 199 2.31 2.11 -29.09
CA VAL A 199 3.09 3.26 -28.66
C VAL A 199 2.32 4.57 -28.86
N VAL A 200 2.48 5.49 -27.92
CA VAL A 200 1.81 6.79 -28.00
C VAL A 200 2.85 7.89 -28.09
N GLU A 201 2.54 8.92 -28.88
CA GLU A 201 3.45 10.06 -29.03
C GLU A 201 2.68 11.36 -29.21
N PRO A 202 3.18 12.45 -28.63
CA PRO A 202 2.52 13.75 -28.75
C PRO A 202 2.68 14.30 -30.16
N GLU A 203 1.75 15.13 -30.59
CA GLU A 203 1.80 15.73 -31.92
C GLU A 203 3.14 16.43 -32.10
N GLY A 204 3.87 16.02 -33.14
CA GLY A 204 5.18 16.61 -33.39
C GLY A 204 6.33 15.68 -33.09
N SER A 205 6.18 14.42 -33.51
CA SER A 205 7.21 13.40 -33.29
C SER A 205 7.42 12.63 -34.59
N ILE A 206 8.59 12.01 -34.72
CA ILE A 206 8.94 11.25 -35.92
C ILE A 206 8.46 9.80 -35.87
N LEU A 207 8.07 9.33 -34.70
CA LEU A 207 7.59 7.95 -34.53
C LEU A 207 6.45 7.58 -35.47
N ASN A 208 5.82 8.58 -36.08
CA ASN A 208 4.72 8.33 -37.00
C ASN A 208 4.80 9.19 -38.26
N GLY A 209 6.01 9.30 -38.82
CA GLY A 209 6.21 10.08 -40.03
C GLY A 209 5.69 11.51 -39.92
N GLY A 210 5.44 11.96 -38.70
CA GLY A 210 4.94 13.30 -38.49
C GLY A 210 6.03 14.35 -38.60
N PRO A 211 5.68 15.65 -38.55
CA PRO A 211 6.66 16.73 -38.66
C PRO A 211 7.52 16.82 -37.40
N ALA A 212 8.26 17.92 -37.28
CA ALA A 212 9.13 18.13 -36.12
C ALA A 212 8.83 19.49 -35.50
N HIS A 213 8.15 19.49 -34.36
CA HIS A 213 7.82 20.72 -33.66
C HIS A 213 7.60 20.48 -32.17
N ALA A 214 7.63 21.56 -31.39
CA ALA A 214 7.42 21.49 -29.95
C ALA A 214 5.96 21.21 -29.60
N HIS A 215 5.75 20.41 -28.56
CA HIS A 215 4.39 20.06 -28.13
C HIS A 215 4.18 20.47 -26.68
N ARG A 216 2.93 20.57 -26.26
CA ARG A 216 2.60 20.95 -24.90
C ARG A 216 2.77 19.77 -23.94
N THR A 217 2.59 18.56 -24.45
CA THR A 217 2.73 17.35 -23.65
C THR A 217 4.17 17.22 -23.15
N GLU A 218 4.36 17.42 -21.85
CA GLU A 218 5.70 17.35 -21.25
C GLU A 218 6.07 15.95 -20.74
N GLY A 219 7.35 15.59 -20.90
CA GLY A 219 7.84 14.30 -20.47
C GLY A 219 7.98 13.25 -21.56
N ILE A 220 7.12 13.33 -22.55
CA ILE A 220 7.14 12.38 -23.66
C ILE A 220 7.57 13.03 -24.97
N GLY A 221 7.74 12.22 -26.01
CA GLY A 221 8.15 12.73 -27.30
C GLY A 221 9.45 12.08 -27.77
N VAL A 222 9.51 11.68 -29.04
CA VAL A 222 10.72 11.04 -29.58
C VAL A 222 11.44 11.84 -30.66
N GLU A 223 12.76 11.96 -30.51
CA GLU A 223 13.60 12.69 -31.47
C GLU A 223 14.10 11.71 -32.54
N PHE A 224 14.74 10.63 -32.06
CA PHE A 224 15.25 9.59 -32.93
C PHE A 224 14.56 8.31 -32.49
N ILE A 225 14.68 7.26 -33.30
CA ILE A 225 14.03 5.99 -32.95
C ILE A 225 14.70 5.34 -31.75
N PRO A 226 13.94 5.08 -30.69
CA PRO A 226 14.55 4.45 -29.51
C PRO A 226 15.03 3.05 -29.89
N PRO A 227 16.20 2.64 -29.38
CA PRO A 227 16.75 1.32 -29.69
C PRO A 227 16.01 0.17 -28.98
N PHE A 228 15.28 0.51 -27.93
CA PHE A 228 14.56 -0.48 -27.14
C PHE A 228 13.41 -1.18 -27.85
N PHE A 229 12.91 -0.59 -28.92
CA PHE A 229 11.78 -1.16 -29.66
C PHE A 229 12.03 -2.50 -30.33
N ASP A 230 13.29 -2.92 -30.44
CA ASP A 230 13.63 -4.19 -31.08
C ASP A 230 13.07 -5.39 -30.32
N GLN A 231 12.78 -5.21 -29.04
CA GLN A 231 12.26 -6.31 -28.22
C GLN A 231 10.73 -6.36 -28.17
N VAL A 232 10.09 -5.54 -28.99
CA VAL A 232 8.63 -5.47 -28.98
C VAL A 232 8.02 -5.62 -30.36
N ARG A 233 6.85 -6.26 -30.41
CA ARG A 233 6.15 -6.35 -31.68
C ARG A 233 5.14 -5.22 -31.58
N ILE A 234 5.56 -4.03 -31.99
CA ILE A 234 4.70 -2.86 -31.95
C ILE A 234 3.57 -3.04 -32.96
N ASP A 235 2.34 -3.11 -32.45
CA ASP A 235 1.19 -3.31 -33.31
C ASP A 235 0.61 -2.03 -33.86
N GLN A 236 0.95 -0.89 -33.24
CA GLN A 236 0.43 0.39 -33.71
C GLN A 236 1.04 1.56 -32.96
N THR A 237 1.15 2.70 -33.63
CA THR A 237 1.69 3.92 -33.04
C THR A 237 0.61 4.98 -33.14
N LEU A 238 0.30 5.65 -32.04
CA LEU A 238 -0.73 6.68 -32.07
C LEU A 238 -0.17 8.04 -31.72
N THR A 239 -0.65 9.05 -32.44
CA THR A 239 -0.21 10.42 -32.24
C THR A 239 -1.39 11.15 -31.61
N ILE A 240 -1.14 11.83 -30.50
CA ILE A 240 -2.22 12.53 -29.80
C ILE A 240 -2.04 14.03 -29.76
N ALA A 241 -3.08 14.76 -30.13
CA ALA A 241 -3.01 16.21 -30.10
C ALA A 241 -2.95 16.66 -28.65
N ASP A 242 -2.28 17.77 -28.38
CA ASP A 242 -2.17 18.28 -27.03
C ASP A 242 -3.54 18.56 -26.47
N ASN A 243 -4.43 19.06 -27.32
CA ASN A 243 -5.78 19.37 -26.88
C ASN A 243 -6.50 18.17 -26.29
N ASP A 244 -6.20 16.97 -26.79
CA ASP A 244 -6.82 15.75 -26.28
C ASP A 244 -6.19 15.36 -24.95
N ALA A 245 -4.87 15.40 -24.89
CA ALA A 245 -4.13 15.05 -23.69
C ALA A 245 -4.58 15.90 -22.50
N PHE A 246 -4.54 17.22 -22.65
CA PHE A 246 -4.93 18.11 -21.57
C PHE A 246 -6.41 18.03 -21.23
N ALA A 247 -7.23 17.63 -22.20
CA ALA A 247 -8.66 17.49 -21.94
C ALA A 247 -8.81 16.36 -20.91
N GLN A 248 -8.12 15.25 -21.16
CA GLN A 248 -8.17 14.12 -20.24
C GLN A 248 -7.66 14.53 -18.85
N VAL A 249 -6.68 15.42 -18.80
CA VAL A 249 -6.16 15.86 -17.51
C VAL A 249 -7.27 16.54 -16.74
N ARG A 250 -7.97 17.45 -17.43
CA ARG A 250 -9.07 18.20 -16.82
C ARG A 250 -10.24 17.30 -16.43
N HIS A 251 -10.61 16.38 -17.32
CA HIS A 251 -11.73 15.47 -17.08
C HIS A 251 -11.51 14.50 -15.92
N LEU A 252 -10.38 13.81 -15.90
CA LEU A 252 -10.10 12.86 -14.83
C LEU A 252 -10.05 13.51 -13.45
N ALA A 253 -9.56 14.75 -13.38
CA ALA A 253 -9.49 15.46 -12.12
C ALA A 253 -10.87 15.91 -11.66
N ARG A 254 -11.64 16.48 -12.59
CA ARG A 254 -12.98 16.99 -12.30
C ARG A 254 -13.99 15.90 -11.95
N ASP A 255 -13.91 14.76 -12.63
CA ASP A 255 -14.85 13.68 -12.40
C ASP A 255 -14.41 12.59 -11.42
N HIS A 256 -13.10 12.34 -11.33
CA HIS A 256 -12.61 11.26 -10.47
C HIS A 256 -11.51 11.57 -9.46
N GLY A 257 -11.09 12.82 -9.38
CA GLY A 257 -10.06 13.16 -8.42
C GLY A 257 -8.69 12.62 -8.77
N LEU A 258 -8.49 12.29 -10.04
CA LEU A 258 -7.20 11.77 -10.46
C LEU A 258 -6.37 12.94 -11.00
N LEU A 259 -5.30 13.27 -10.28
CA LEU A 259 -4.41 14.36 -10.65
C LEU A 259 -3.27 13.76 -11.47
N ILE A 260 -3.42 13.82 -12.79
CA ILE A 260 -2.43 13.25 -13.69
C ILE A 260 -1.69 14.27 -14.55
N GLY A 261 -0.50 13.89 -15.00
CA GLY A 261 0.29 14.75 -15.86
C GLY A 261 -0.23 14.71 -17.28
N SER A 262 0.26 15.61 -18.12
CA SER A 262 -0.19 15.68 -19.51
C SER A 262 0.12 14.41 -20.28
N SER A 263 1.25 13.77 -19.99
CA SER A 263 1.59 12.54 -20.71
C SER A 263 0.61 11.42 -20.34
N SER A 264 0.03 11.49 -19.14
CA SER A 264 -0.96 10.50 -18.70
C SER A 264 -2.21 10.73 -19.53
N GLY A 265 -2.62 11.99 -19.64
CA GLY A 265 -3.79 12.33 -20.43
C GLY A 265 -3.62 11.87 -21.88
N ALA A 266 -2.41 12.02 -22.41
CA ALA A 266 -2.17 11.60 -23.78
C ALA A 266 -2.34 10.07 -23.90
N ALA A 267 -1.88 9.36 -22.88
CA ALA A 267 -1.98 7.90 -22.83
C ALA A 267 -3.43 7.43 -22.70
N LEU A 268 -4.25 8.16 -21.95
CA LEU A 268 -5.65 7.78 -21.79
C LEU A 268 -6.37 8.06 -23.10
N ALA A 269 -6.08 9.23 -23.69
CA ALA A 269 -6.71 9.59 -24.96
C ALA A 269 -6.39 8.54 -26.02
N ALA A 270 -5.15 8.04 -26.00
CA ALA A 270 -4.76 7.03 -26.97
C ALA A 270 -5.52 5.73 -26.70
N SER A 271 -5.62 5.37 -25.43
CA SER A 271 -6.32 4.16 -25.01
C SER A 271 -7.81 4.20 -25.39
N LEU A 272 -8.45 5.35 -25.23
CA LEU A 272 -9.85 5.50 -25.58
C LEU A 272 -10.00 5.38 -27.09
N GLN A 273 -9.01 5.89 -27.82
CA GLN A 273 -9.02 5.82 -29.27
C GLN A 273 -8.89 4.37 -29.72
N LEU A 274 -7.98 3.63 -29.07
CA LEU A 274 -7.76 2.24 -29.39
C LEU A 274 -9.01 1.42 -29.14
N ALA A 275 -9.75 1.77 -28.09
CA ALA A 275 -10.98 1.07 -27.73
C ALA A 275 -12.00 1.06 -28.85
N THR A 276 -12.05 2.14 -29.64
CA THR A 276 -13.01 2.23 -30.74
C THR A 276 -12.66 1.31 -31.90
N ASN A 277 -11.47 0.72 -31.87
CA ASN A 277 -11.06 -0.15 -32.96
C ASN A 277 -10.59 -1.52 -32.49
N LEU A 278 -11.01 -1.89 -31.29
CA LEU A 278 -10.67 -3.19 -30.73
C LEU A 278 -12.01 -3.86 -30.47
N PRO A 279 -12.02 -5.20 -30.41
CA PRO A 279 -13.28 -5.91 -30.14
C PRO A 279 -13.92 -5.41 -28.85
N ALA A 280 -15.24 -5.57 -28.74
CA ALA A 280 -15.98 -5.15 -27.56
C ALA A 280 -15.52 -5.94 -26.33
N ASN A 281 -15.77 -5.38 -25.15
CA ASN A 281 -15.38 -6.03 -23.90
C ASN A 281 -13.89 -6.34 -23.87
N SER A 282 -13.09 -5.42 -24.41
CA SER A 282 -11.64 -5.59 -24.42
C SER A 282 -11.03 -4.99 -23.15
N HIS A 283 -9.83 -5.45 -22.80
CA HIS A 283 -9.13 -4.96 -21.63
C HIS A 283 -7.81 -4.29 -22.02
N ILE A 284 -7.78 -2.98 -21.86
CA ILE A 284 -6.62 -2.17 -22.21
C ILE A 284 -5.89 -1.67 -20.97
N VAL A 285 -4.57 -1.82 -20.95
CA VAL A 285 -3.75 -1.36 -19.84
C VAL A 285 -2.81 -0.25 -20.27
N THR A 286 -2.72 0.81 -19.47
CA THR A 286 -1.82 1.92 -19.77
C THR A 286 -1.12 2.43 -18.51
N ILE A 287 -0.15 3.33 -18.69
CA ILE A 287 0.61 3.88 -17.56
C ILE A 287 0.43 5.39 -17.42
N PHE A 288 0.26 5.85 -16.19
CA PHE A 288 0.15 7.28 -15.87
C PHE A 288 1.47 7.53 -15.16
N PRO A 289 2.49 8.02 -15.88
CA PRO A 289 3.82 8.29 -15.31
C PRO A 289 3.95 9.25 -14.13
N ASP A 290 3.23 10.37 -14.15
CA ASP A 290 3.33 11.31 -13.04
C ASP A 290 2.09 12.15 -12.81
N SER A 291 2.17 13.02 -11.82
CA SER A 291 1.05 13.86 -11.43
C SER A 291 1.03 15.21 -12.13
N SER A 292 -0.08 15.93 -11.98
CA SER A 292 -0.26 17.25 -12.56
C SER A 292 0.30 18.31 -11.60
N GLU A 293 0.36 17.97 -10.32
CA GLU A 293 0.86 18.88 -9.29
C GLU A 293 2.24 19.41 -9.66
N ARG A 294 3.00 18.60 -10.39
CA ARG A 294 4.34 18.93 -10.83
C ARG A 294 4.37 19.92 -12.02
N TYR A 295 3.19 20.33 -12.48
CA TYR A 295 3.09 21.25 -13.62
C TYR A 295 2.12 22.40 -13.33
N LEU A 296 1.82 22.64 -12.06
CA LEU A 296 0.91 23.71 -11.69
C LEU A 296 1.44 25.07 -12.14
N SER A 297 2.77 25.21 -12.14
CA SER A 297 3.41 26.47 -12.56
C SER A 297 3.33 26.64 -14.07
N GLN A 298 2.75 25.65 -14.76
CA GLN A 298 2.63 25.69 -16.20
C GLN A 298 1.17 25.75 -16.64
N LYS A 299 0.28 26.08 -15.70
CA LYS A 299 -1.14 26.17 -16.00
C LYS A 299 -1.67 24.91 -16.69
N ILE A 300 -1.34 23.74 -16.13
CA ILE A 300 -1.77 22.47 -16.70
C ILE A 300 -3.28 22.28 -16.74
N TYR A 301 -3.99 22.93 -15.83
CA TYR A 301 -5.45 22.81 -15.79
C TYR A 301 -6.14 24.00 -16.47
N THR A 302 -5.33 24.90 -17.03
CA THR A 302 -5.82 26.09 -17.70
C THR A 302 -6.12 25.87 -19.18
N LYS A 303 -7.03 26.68 -19.72
CA LYS A 303 -7.44 26.60 -21.11
C LYS A 303 -7.86 25.19 -21.51
N MET B 1 24.79 -38.74 -55.60
CA MET B 1 24.43 -37.29 -55.58
C MET B 1 25.39 -36.49 -56.45
N LEU B 2 24.86 -35.52 -57.19
CA LEU B 2 25.68 -34.67 -58.05
C LEU B 2 26.10 -33.42 -57.28
N ILE B 3 27.41 -33.18 -57.18
CA ILE B 3 27.89 -32.01 -56.46
C ILE B 3 28.76 -31.11 -57.35
N GLN B 4 28.89 -29.86 -56.97
CA GLN B 4 29.66 -28.88 -57.75
C GLN B 4 30.90 -28.33 -57.04
N HIS B 5 30.95 -28.43 -55.72
CA HIS B 5 32.09 -27.93 -54.97
C HIS B 5 32.33 -28.87 -53.79
N VAL B 6 33.60 -29.03 -53.40
CA VAL B 6 33.94 -29.91 -52.30
C VAL B 6 33.24 -29.60 -50.99
N GLN B 7 33.05 -28.31 -50.70
CA GLN B 7 32.42 -27.89 -49.44
C GLN B 7 31.00 -28.44 -49.28
N GLU B 8 30.42 -28.94 -50.37
CA GLU B 8 29.08 -29.54 -50.32
C GLU B 8 29.14 -30.87 -49.58
N LEU B 9 30.35 -31.41 -49.44
CA LEU B 9 30.54 -32.69 -48.78
C LEU B 9 30.73 -32.56 -47.27
N ILE B 10 30.88 -31.34 -46.79
CA ILE B 10 31.06 -31.11 -45.36
C ILE B 10 29.73 -31.30 -44.64
N GLY B 11 29.73 -32.06 -43.55
CA GLY B 11 28.51 -32.26 -42.81
C GLY B 11 27.62 -33.40 -43.32
N HIS B 12 26.45 -33.55 -42.71
CA HIS B 12 25.52 -34.61 -43.07
C HIS B 12 26.21 -35.95 -43.07
N THR B 13 27.09 -36.12 -42.09
CA THR B 13 27.85 -37.33 -41.93
C THR B 13 26.94 -38.44 -41.41
N PRO B 14 27.29 -39.69 -41.68
CA PRO B 14 26.44 -40.76 -41.18
C PRO B 14 26.41 -40.86 -39.66
N LEU B 15 25.29 -41.31 -39.13
CA LEU B 15 25.16 -41.56 -37.70
C LEU B 15 25.05 -43.08 -37.67
N MET B 16 26.11 -43.74 -37.20
CA MET B 16 26.11 -45.20 -37.17
C MET B 16 25.70 -45.81 -35.84
N ALA B 17 24.76 -46.75 -35.93
CA ALA B 17 24.30 -47.46 -34.76
C ALA B 17 25.28 -48.62 -34.69
N LEU B 18 26.28 -48.49 -33.82
CA LEU B 18 27.32 -49.51 -33.68
C LEU B 18 26.77 -50.91 -33.40
N PRO B 19 27.04 -51.85 -34.31
CA PRO B 19 26.57 -53.23 -34.16
C PRO B 19 27.52 -54.00 -33.27
N ILE B 20 27.80 -53.45 -32.10
CA ILE B 20 28.69 -54.08 -31.14
C ILE B 20 27.96 -54.52 -29.87
N GLU B 21 28.65 -55.25 -29.01
CA GLU B 21 28.07 -55.70 -27.76
C GLU B 21 28.04 -54.48 -26.84
N VAL B 22 26.86 -54.10 -26.37
CA VAL B 22 26.71 -52.96 -25.48
C VAL B 22 26.01 -53.48 -24.22
N PRO B 23 26.50 -53.07 -23.03
CA PRO B 23 25.86 -53.52 -21.78
C PRO B 23 24.40 -53.10 -21.65
N ASN B 24 23.65 -53.91 -20.91
CA ASN B 24 22.24 -53.64 -20.62
C ASN B 24 21.30 -53.41 -21.81
N HIS B 25 21.55 -54.09 -22.92
CA HIS B 25 20.70 -53.93 -24.10
C HIS B 25 20.55 -52.47 -24.46
N SER B 26 21.62 -51.70 -24.32
CA SER B 26 21.57 -50.30 -24.66
C SER B 26 22.15 -50.09 -26.06
N HIS B 27 22.15 -48.84 -26.53
CA HIS B 27 22.64 -48.58 -27.87
C HIS B 27 23.59 -47.40 -27.95
N ILE B 28 24.63 -47.57 -28.77
CA ILE B 28 25.62 -46.52 -28.96
C ILE B 28 25.71 -46.15 -30.44
N TYR B 29 25.52 -44.86 -30.72
CA TYR B 29 25.59 -44.32 -32.08
C TYR B 29 26.78 -43.38 -32.18
N ALA B 30 27.40 -43.35 -33.35
CA ALA B 30 28.56 -42.50 -33.58
C ALA B 30 28.47 -41.73 -34.89
N LYS B 31 28.75 -40.43 -34.81
CA LYS B 31 28.74 -39.62 -36.02
C LYS B 31 30.12 -39.84 -36.65
N LEU B 32 30.13 -40.40 -37.86
CA LEU B 32 31.39 -40.66 -38.54
C LEU B 32 31.87 -39.43 -39.28
N GLU B 33 32.57 -38.57 -38.54
CA GLU B 33 33.08 -37.33 -39.10
C GLU B 33 34.29 -37.46 -40.02
N MET B 34 34.82 -38.67 -40.16
CA MET B 34 35.97 -38.88 -41.04
C MET B 34 35.55 -38.82 -42.49
N PHE B 35 34.24 -38.84 -42.73
CA PHE B 35 33.77 -38.80 -44.10
C PHE B 35 33.72 -37.37 -44.67
N ASN B 36 34.03 -36.39 -43.83
CA ASN B 36 34.08 -35.01 -44.31
C ASN B 36 35.21 -35.02 -45.34
N PRO B 37 35.13 -34.16 -46.37
CA PRO B 37 36.18 -34.14 -47.40
C PRO B 37 37.60 -33.94 -46.91
N GLY B 38 37.75 -33.24 -45.78
CA GLY B 38 39.06 -33.00 -45.21
C GLY B 38 39.50 -34.10 -44.25
N GLY B 39 38.71 -35.18 -44.18
CA GLY B 39 39.03 -36.30 -43.30
C GLY B 39 38.76 -36.14 -41.81
N SER B 40 38.10 -35.06 -41.42
CA SER B 40 37.82 -34.87 -40.01
C SER B 40 36.67 -33.90 -39.75
N ILE B 41 36.23 -33.87 -38.49
CA ILE B 41 35.16 -32.99 -38.05
C ILE B 41 35.55 -31.51 -38.19
N ASP B 43 36.44 -29.85 -40.64
CA ASP B 43 36.01 -29.19 -41.86
C ASP B 43 34.88 -28.24 -41.47
N ARG B 44 34.08 -28.67 -40.48
CA ARG B 44 32.96 -27.89 -39.99
C ARG B 44 33.41 -26.60 -39.30
N LEU B 45 34.48 -26.70 -38.51
CA LEU B 45 35.04 -25.58 -37.76
C LEU B 45 35.67 -24.53 -38.68
N GLY B 46 36.50 -24.99 -39.59
CA GLY B 46 37.18 -24.08 -40.51
C GLY B 46 36.17 -23.24 -41.26
N ALA B 47 35.20 -23.91 -41.87
CA ALA B 47 34.17 -23.23 -42.64
C ALA B 47 33.48 -22.14 -41.81
N TYR B 48 33.09 -22.49 -40.59
CA TYR B 48 32.39 -21.55 -39.72
C TYR B 48 33.25 -20.40 -39.17
N LEU B 49 34.49 -20.69 -38.81
CA LEU B 49 35.37 -19.65 -38.29
C LEU B 49 35.60 -18.56 -39.33
N ILE B 50 35.73 -18.96 -40.60
CA ILE B 50 35.95 -18.00 -41.68
C ILE B 50 34.66 -17.25 -41.97
N GLU B 51 33.55 -17.99 -42.01
CA GLU B 51 32.24 -17.40 -42.27
C GLU B 51 31.99 -16.31 -41.21
N ASP B 52 32.28 -16.65 -39.96
CA ASP B 52 32.09 -15.74 -38.83
C ASP B 52 33.01 -14.53 -38.87
N GLY B 53 34.24 -14.73 -39.33
CA GLY B 53 35.18 -13.63 -39.42
C GLY B 53 34.78 -12.63 -40.49
N LEU B 54 34.16 -13.13 -41.56
CA LEU B 54 33.72 -12.26 -42.64
C LEU B 54 32.49 -11.49 -42.15
N GLN B 55 31.63 -12.18 -41.41
CA GLN B 55 30.42 -11.56 -40.89
C GLN B 55 30.72 -10.46 -39.88
N ARG B 56 31.69 -10.70 -38.99
CA ARG B 56 32.05 -9.71 -37.99
C ARG B 56 32.94 -8.64 -38.58
N GLY B 57 33.14 -8.68 -39.89
CA GLY B 57 33.97 -7.70 -40.57
C GLY B 57 35.44 -7.70 -40.20
N ARG B 58 35.93 -8.81 -39.67
CA ARG B 58 37.33 -8.90 -39.30
C ARG B 58 38.17 -9.50 -40.43
N VAL B 59 37.53 -9.78 -41.56
CA VAL B 59 38.22 -10.38 -42.69
C VAL B 59 37.75 -9.83 -44.03
N ASN B 60 38.69 -9.52 -44.92
CA ASN B 60 38.33 -9.06 -46.24
C ASN B 60 39.06 -9.95 -47.23
N ALA B 61 38.86 -9.71 -48.53
CA ALA B 61 39.46 -10.56 -49.55
C ALA B 61 40.99 -10.67 -49.56
N LYS B 62 41.68 -9.64 -49.08
CA LYS B 62 43.15 -9.68 -49.08
C LYS B 62 43.73 -10.04 -47.71
N THR B 63 42.86 -10.33 -46.76
CA THR B 63 43.31 -10.66 -45.42
C THR B 63 44.13 -11.95 -45.34
N THR B 64 45.10 -11.96 -44.43
CA THR B 64 45.92 -13.13 -44.22
C THR B 64 45.36 -13.79 -42.97
N ILE B 65 44.93 -15.04 -43.10
CA ILE B 65 44.40 -15.79 -41.97
C ILE B 65 45.60 -16.46 -41.29
N ILE B 66 45.73 -16.27 -39.99
CA ILE B 66 46.85 -16.85 -39.24
C ILE B 66 46.30 -17.65 -38.07
N GLU B 67 46.66 -18.93 -38.01
CA GLU B 67 46.14 -19.76 -36.94
C GLU B 67 47.10 -20.81 -36.37
N PRO B 68 47.16 -20.90 -35.04
CA PRO B 68 48.04 -21.89 -34.43
C PRO B 68 47.24 -23.19 -34.34
N THR B 69 47.82 -24.29 -34.80
CA THR B 69 47.14 -25.57 -34.78
C THR B 69 48.13 -26.70 -34.60
N ALA B 70 47.65 -27.82 -34.06
CA ALA B 70 48.51 -28.98 -33.84
C ALA B 70 48.04 -30.14 -34.72
N GLY B 71 46.93 -29.96 -35.43
CA GLY B 71 46.46 -31.04 -36.28
C GLY B 71 45.36 -30.73 -37.29
N ASN B 72 44.23 -31.40 -37.13
CA ASN B 72 43.12 -31.27 -38.05
C ASN B 72 42.57 -29.86 -38.28
N THR B 73 42.63 -29.00 -37.27
CA THR B 73 42.10 -27.65 -37.49
C THR B 73 42.82 -26.99 -38.65
N GLY B 74 44.12 -27.25 -38.76
CA GLY B 74 44.87 -26.68 -39.86
C GLY B 74 44.26 -27.09 -41.18
N ILE B 75 43.94 -28.38 -41.32
CA ILE B 75 43.34 -28.90 -42.54
C ILE B 75 41.95 -28.32 -42.81
N GLY B 76 41.09 -28.35 -41.81
CA GLY B 76 39.75 -27.83 -41.96
C GLY B 76 39.72 -26.36 -42.30
N LEU B 77 40.60 -25.59 -41.65
CA LEU B 77 40.69 -24.15 -41.89
C LEU B 77 41.24 -23.90 -43.30
N ALA B 78 42.27 -24.65 -43.68
CA ALA B 78 42.88 -24.51 -45.00
C ALA B 78 41.87 -24.81 -46.11
N LEU B 79 41.01 -25.79 -45.86
CA LEU B 79 39.97 -26.16 -46.83
C LEU B 79 39.07 -24.95 -47.02
N ALA B 80 38.66 -24.36 -45.90
CA ALA B 80 37.77 -23.20 -45.92
C ALA B 80 38.40 -21.95 -46.56
N THR B 81 39.60 -21.59 -46.10
CA THR B 81 40.26 -20.41 -46.62
C THR B 81 40.48 -20.55 -48.11
N GLN B 82 40.88 -21.74 -48.53
CA GLN B 82 41.10 -21.98 -49.95
C GLN B 82 39.82 -21.71 -50.76
N ALA B 83 38.68 -22.14 -50.23
CA ALA B 83 37.41 -21.94 -50.91
C ALA B 83 37.05 -20.46 -51.00
N HIS B 84 37.54 -19.68 -50.04
CA HIS B 84 37.26 -18.25 -50.00
C HIS B 84 38.40 -17.43 -50.61
N HIS B 85 39.42 -18.11 -51.13
CA HIS B 85 40.56 -17.44 -51.73
C HIS B 85 41.29 -16.53 -50.73
N LEU B 86 41.44 -17.00 -49.50
CA LEU B 86 42.12 -16.22 -48.48
C LEU B 86 43.51 -16.77 -48.15
N ARG B 87 44.52 -15.90 -48.23
CA ARG B 87 45.90 -16.26 -47.90
C ARG B 87 45.97 -16.89 -46.52
N THR B 88 46.75 -17.96 -46.37
CA THR B 88 46.80 -18.63 -45.08
C THR B 88 48.15 -19.05 -44.54
N ILE B 89 48.38 -18.72 -43.27
CA ILE B 89 49.60 -19.08 -42.58
C ILE B 89 49.19 -19.88 -41.35
N LEU B 90 49.69 -21.10 -41.25
CA LEU B 90 49.37 -21.92 -40.09
C LEU B 90 50.64 -22.11 -39.27
N VAL B 91 50.53 -21.92 -37.96
CA VAL B 91 51.68 -22.07 -37.08
C VAL B 91 51.52 -23.40 -36.34
N VAL B 92 52.46 -24.31 -36.58
CA VAL B 92 52.40 -25.63 -35.94
C VAL B 92 53.74 -26.07 -35.35
N PRO B 93 53.70 -26.74 -34.19
CA PRO B 93 54.95 -27.20 -33.57
C PRO B 93 55.65 -28.15 -34.54
N GLU B 94 56.93 -27.87 -34.80
CA GLU B 94 57.75 -28.61 -35.77
C GLU B 94 57.52 -30.09 -36.09
N LYS B 95 57.52 -30.96 -35.10
CA LYS B 95 57.36 -32.39 -35.38
C LYS B 95 55.94 -32.93 -35.16
N PHE B 96 54.99 -32.04 -34.91
CA PHE B 96 53.62 -32.47 -34.67
C PHE B 96 52.88 -32.82 -35.97
N SER B 97 52.37 -34.05 -36.03
CA SER B 97 51.62 -34.55 -37.17
C SER B 97 52.20 -34.19 -38.53
N MET B 98 53.07 -35.05 -39.05
CA MET B 98 53.69 -34.80 -40.34
C MET B 98 52.72 -35.00 -41.50
N GLU B 99 51.89 -36.04 -41.42
CA GLU B 99 50.94 -36.32 -42.49
C GLU B 99 49.98 -35.14 -42.63
N LYS B 100 49.52 -34.62 -41.51
CA LYS B 100 48.59 -33.50 -41.55
C LYS B 100 49.25 -32.25 -42.13
N GLN B 101 50.51 -32.00 -41.77
CA GLN B 101 51.23 -30.84 -42.29
C GLN B 101 51.29 -30.89 -43.81
N VAL B 102 51.51 -32.08 -44.35
CA VAL B 102 51.58 -32.25 -45.80
C VAL B 102 50.24 -31.83 -46.43
N LEU B 103 49.15 -32.22 -45.80
CA LEU B 103 47.82 -31.89 -46.30
C LEU B 103 47.59 -30.38 -46.23
N MET B 104 47.90 -29.80 -45.07
CA MET B 104 47.76 -28.37 -44.86
C MET B 104 48.47 -27.61 -45.98
N GLN B 105 49.65 -28.09 -46.35
CA GLN B 105 50.43 -27.44 -47.40
C GLN B 105 49.80 -27.72 -48.75
N ALA B 106 49.38 -28.96 -48.95
CA ALA B 106 48.76 -29.33 -50.22
C ALA B 106 47.53 -28.45 -50.45
N LEU B 107 46.81 -28.15 -49.38
CA LEU B 107 45.61 -27.33 -49.49
C LEU B 107 45.89 -25.84 -49.63
N GLY B 108 47.16 -25.51 -49.83
CA GLY B 108 47.55 -24.12 -50.05
C GLY B 108 48.04 -23.30 -48.88
N ALA B 109 48.04 -23.86 -47.68
CA ALA B 109 48.48 -23.12 -46.52
C ALA B 109 50.02 -23.08 -46.44
N GLU B 110 50.54 -21.98 -45.92
CA GLU B 110 51.99 -21.85 -45.76
C GLU B 110 52.25 -22.07 -44.27
N ILE B 111 53.16 -22.97 -43.93
CA ILE B 111 53.42 -23.27 -42.53
C ILE B 111 54.63 -22.59 -41.90
N VAL B 112 54.48 -22.21 -40.63
CA VAL B 112 55.57 -21.59 -39.89
C VAL B 112 55.76 -22.45 -38.64
N HIS B 113 56.96 -22.97 -38.46
CA HIS B 113 57.24 -23.83 -37.33
C HIS B 113 57.66 -23.16 -36.03
N THR B 114 57.32 -23.81 -34.94
CA THR B 114 57.68 -23.35 -33.60
C THR B 114 58.29 -24.57 -32.92
N PRO B 115 59.18 -24.37 -31.94
CA PRO B 115 59.83 -25.50 -31.26
C PRO B 115 58.82 -26.54 -30.75
N SER B 116 59.04 -27.80 -31.12
CA SER B 116 58.15 -28.87 -30.71
C SER B 116 57.96 -28.91 -29.20
N GLU B 117 59.04 -28.64 -28.48
CA GLU B 117 59.01 -28.66 -27.02
C GLU B 117 58.10 -27.60 -26.44
N GLU B 118 57.86 -26.53 -27.18
CA GLU B 118 57.00 -25.47 -26.67
C GLU B 118 55.53 -25.78 -26.85
N GLY B 119 55.25 -26.83 -27.63
CA GLY B 119 53.89 -27.25 -27.87
C GLY B 119 52.97 -26.24 -28.53
N ILE B 120 51.67 -26.41 -28.27
CA ILE B 120 50.65 -25.55 -28.85
C ILE B 120 50.78 -24.12 -28.33
N LYS B 121 51.10 -23.96 -27.04
CA LYS B 121 51.25 -22.64 -26.47
C LYS B 121 52.33 -21.87 -27.22
N GLY B 122 53.33 -22.60 -27.71
CA GLY B 122 54.41 -21.95 -28.45
C GLY B 122 53.88 -21.40 -29.76
N ALA B 123 53.09 -22.22 -30.45
CA ALA B 123 52.52 -21.82 -31.73
C ALA B 123 51.58 -20.63 -31.54
N ILE B 124 50.80 -20.66 -30.46
CA ILE B 124 49.87 -19.57 -30.18
C ILE B 124 50.61 -18.24 -30.02
N ARG B 125 51.76 -18.28 -29.35
CA ARG B 125 52.55 -17.07 -29.15
C ARG B 125 53.04 -16.53 -30.48
N LYS B 126 53.56 -17.42 -31.31
CA LYS B 126 54.08 -17.05 -32.62
C LYS B 126 53.00 -16.54 -33.56
N ALA B 127 51.81 -17.15 -33.49
CA ALA B 127 50.71 -16.74 -34.35
C ALA B 127 50.35 -15.28 -34.10
N GLU B 128 50.29 -14.90 -32.82
CA GLU B 128 49.96 -13.53 -32.47
C GLU B 128 51.11 -12.61 -32.88
N ALA B 129 52.33 -13.06 -32.63
CA ALA B 129 53.53 -12.29 -32.96
C ALA B 129 53.48 -11.96 -34.45
N LEU B 130 53.22 -12.98 -35.27
CA LEU B 130 53.14 -12.80 -36.72
C LEU B 130 51.99 -11.87 -37.08
N ALA B 131 50.87 -12.01 -36.38
CA ALA B 131 49.72 -11.15 -36.66
C ALA B 131 50.14 -9.69 -36.53
N ALA B 132 50.85 -9.39 -35.44
CA ALA B 132 51.31 -8.03 -35.23
C ALA B 132 52.15 -7.47 -36.38
N THR B 133 52.81 -8.33 -37.15
CA THR B 133 53.62 -7.83 -38.27
C THR B 133 52.88 -7.82 -39.61
N ILE B 134 51.61 -8.17 -39.57
CA ILE B 134 50.80 -8.17 -40.79
C ILE B 134 49.56 -7.35 -40.49
N SER B 135 49.53 -6.15 -41.04
CA SER B 135 48.43 -5.23 -40.83
C SER B 135 47.06 -5.86 -41.07
N ASN B 136 46.86 -6.42 -42.27
CA ASN B 136 45.58 -7.03 -42.61
C ASN B 136 45.57 -8.52 -42.35
N SER B 137 45.38 -8.89 -41.09
CA SER B 137 45.35 -10.29 -40.68
C SER B 137 44.25 -10.57 -39.67
N TYR B 138 43.93 -11.85 -39.51
CA TYR B 138 42.93 -12.27 -38.57
C TYR B 138 43.36 -13.59 -37.97
N VAL B 139 43.29 -13.70 -36.65
CA VAL B 139 43.64 -14.93 -35.98
C VAL B 139 42.35 -15.47 -35.37
N PRO B 140 41.76 -16.50 -35.99
CA PRO B 140 40.52 -17.11 -35.48
C PRO B 140 40.58 -17.49 -34.00
N MET B 141 41.75 -17.93 -33.55
CA MET B 141 41.92 -18.33 -32.16
C MET B 141 40.81 -19.31 -31.77
N GLN B 142 40.83 -20.47 -32.41
CA GLN B 142 39.85 -21.52 -32.16
C GLN B 142 39.74 -21.92 -30.69
N PHE B 143 40.80 -21.71 -29.92
CA PHE B 143 40.77 -22.09 -28.51
C PHE B 143 39.93 -21.18 -27.62
N LYS B 144 39.63 -19.98 -28.09
CA LYS B 144 38.84 -19.04 -27.30
C LYS B 144 37.63 -18.51 -28.04
N ASN B 145 37.67 -18.58 -29.37
CA ASN B 145 36.58 -18.08 -30.21
C ASN B 145 35.27 -18.84 -29.99
N PRO B 146 34.22 -18.13 -29.52
CA PRO B 146 32.94 -18.79 -29.29
C PRO B 146 32.34 -19.36 -30.58
N ALA B 147 32.89 -18.96 -31.71
CA ALA B 147 32.41 -19.45 -32.99
C ALA B 147 32.73 -20.95 -33.11
N ASN B 148 33.67 -21.43 -32.29
CA ASN B 148 34.07 -22.82 -32.29
C ASN B 148 32.88 -23.69 -31.87
N PRO B 149 32.40 -23.55 -30.62
CA PRO B 149 31.25 -24.41 -30.30
C PRO B 149 30.06 -24.14 -31.24
N ALA B 150 29.86 -22.89 -31.61
CA ALA B 150 28.76 -22.55 -32.48
C ALA B 150 28.76 -23.34 -33.79
N ALA B 151 29.95 -23.61 -34.32
CA ALA B 151 30.10 -24.35 -35.57
C ALA B 151 29.37 -25.69 -35.56
N TYR B 152 29.30 -26.32 -34.39
CA TYR B 152 28.65 -27.61 -34.27
C TYR B 152 27.22 -27.50 -33.74
N TYR B 153 26.96 -26.45 -32.97
CA TYR B 153 25.64 -26.21 -32.39
C TYR B 153 24.54 -26.10 -33.47
N HIS B 154 24.89 -25.47 -34.59
CA HIS B 154 23.94 -25.26 -35.67
C HIS B 154 23.95 -26.29 -36.80
N THR B 155 24.87 -27.25 -36.75
CA THR B 155 24.94 -28.24 -37.81
C THR B 155 24.91 -29.68 -37.31
N LEU B 156 26.04 -30.14 -36.79
CA LEU B 156 26.20 -31.49 -36.27
C LEU B 156 25.10 -31.89 -35.28
N ALA B 157 24.79 -31.01 -34.34
CA ALA B 157 23.77 -31.29 -33.31
C ALA B 157 22.41 -31.62 -33.94
N PRO B 158 21.85 -30.71 -34.76
CA PRO B 158 20.55 -31.02 -35.37
C PRO B 158 20.63 -32.30 -36.22
N GLU B 159 21.76 -32.50 -36.89
CA GLU B 159 21.94 -33.69 -37.73
C GLU B 159 21.72 -34.96 -36.91
N ILE B 160 22.23 -34.95 -35.69
CA ILE B 160 22.10 -36.10 -34.80
C ILE B 160 20.62 -36.39 -34.52
N LEU B 161 19.90 -35.35 -34.12
CA LEU B 161 18.47 -35.47 -33.82
C LEU B 161 17.64 -35.92 -35.00
N ALA B 162 18.04 -35.54 -36.21
CA ALA B 162 17.30 -35.93 -37.39
C ALA B 162 17.45 -37.42 -37.73
N ASP B 163 18.54 -38.05 -37.30
CA ASP B 163 18.77 -39.46 -37.59
C ASP B 163 18.50 -40.37 -36.39
N MET B 164 18.44 -39.79 -35.19
CA MET B 164 18.22 -40.59 -33.98
C MET B 164 16.86 -41.28 -33.96
N PRO B 165 16.83 -42.58 -33.66
CA PRO B 165 15.56 -43.30 -33.63
C PRO B 165 14.86 -43.26 -32.27
N ALA B 166 15.51 -42.64 -31.29
CA ALA B 166 14.95 -42.55 -29.94
C ALA B 166 15.52 -41.34 -29.24
N PRO B 167 14.95 -40.98 -28.08
CA PRO B 167 15.50 -39.81 -27.37
C PRO B 167 16.92 -40.16 -26.95
N ILE B 168 17.78 -39.15 -26.82
CA ILE B 168 19.16 -39.39 -26.42
C ILE B 168 19.32 -39.39 -24.91
N THR B 169 19.70 -40.53 -24.35
CA THR B 169 19.89 -40.64 -22.91
C THR B 169 21.14 -39.85 -22.52
N ALA B 170 22.21 -40.04 -23.29
CA ALA B 170 23.46 -39.33 -23.00
C ALA B 170 24.31 -39.05 -24.24
N PHE B 171 24.94 -37.89 -24.25
CA PHE B 171 25.81 -37.48 -25.33
C PHE B 171 27.22 -37.55 -24.76
N VAL B 172 28.09 -38.30 -25.43
CA VAL B 172 29.48 -38.48 -25.00
C VAL B 172 30.44 -37.98 -26.09
N ALA B 173 31.45 -37.21 -25.70
CA ALA B 173 32.42 -36.71 -26.66
C ALA B 173 33.74 -36.27 -26.01
N GLY B 174 34.86 -36.62 -26.63
CA GLY B 174 36.15 -36.22 -26.09
C GLY B 174 36.35 -34.72 -26.23
N ALA B 175 37.18 -34.14 -25.37
CA ALA B 175 37.42 -32.70 -25.44
C ALA B 175 38.88 -32.28 -25.61
N GLY B 176 39.11 -31.42 -26.59
CA GLY B 176 40.43 -30.87 -26.85
C GLY B 176 40.24 -29.41 -26.48
N SER B 177 39.74 -28.62 -27.42
CA SER B 177 39.46 -27.23 -27.17
C SER B 177 38.11 -27.18 -26.43
N GLY B 178 37.36 -28.28 -26.51
CA GLY B 178 36.07 -28.37 -25.85
C GLY B 178 34.93 -27.87 -26.72
N GLY B 179 35.25 -27.40 -27.92
CA GLY B 179 34.23 -26.88 -28.82
C GLY B 179 33.15 -27.86 -29.25
N THR B 180 33.56 -29.06 -29.69
CA THR B 180 32.63 -30.08 -30.13
C THR B 180 31.63 -30.46 -29.03
N PHE B 181 32.13 -30.89 -27.89
CA PHE B 181 31.27 -31.29 -26.79
C PHE B 181 30.33 -30.15 -26.40
N ALA B 182 30.90 -28.99 -26.10
CA ALA B 182 30.11 -27.85 -25.68
C ALA B 182 29.03 -27.45 -26.67
N GLY B 183 29.39 -27.37 -27.95
CA GLY B 183 28.43 -26.97 -28.95
C GLY B 183 27.27 -27.92 -29.10
N VAL B 184 27.58 -29.19 -29.32
CA VAL B 184 26.59 -30.23 -29.51
C VAL B 184 25.75 -30.46 -28.25
N ALA B 185 26.41 -30.50 -27.10
CA ALA B 185 25.71 -30.74 -25.84
C ALA B 185 24.76 -29.60 -25.51
N ALA B 186 25.18 -28.37 -25.85
CA ALA B 186 24.35 -27.20 -25.59
C ALA B 186 23.04 -27.29 -26.36
N TYR B 187 23.13 -27.73 -27.61
CA TYR B 187 21.93 -27.82 -28.44
C TYR B 187 21.05 -29.00 -28.05
N LEU B 188 21.66 -30.16 -27.84
CA LEU B 188 20.89 -31.33 -27.46
C LEU B 188 20.13 -31.08 -26.16
N GLN B 189 20.80 -30.47 -25.18
CA GLN B 189 20.16 -30.20 -23.90
C GLN B 189 19.08 -29.13 -24.01
N ALA B 190 19.21 -28.24 -25.00
CA ALA B 190 18.22 -27.19 -25.22
C ALA B 190 16.96 -27.77 -25.85
N GLN B 191 17.10 -28.93 -26.47
CA GLN B 191 15.95 -29.59 -27.09
C GLN B 191 15.36 -30.60 -26.11
N ASP B 192 16.20 -31.08 -25.20
CA ASP B 192 15.78 -32.06 -24.22
C ASP B 192 16.74 -31.97 -23.03
N SER B 193 16.36 -31.22 -22.01
CA SER B 193 17.20 -31.01 -20.83
C SER B 193 17.54 -32.31 -20.11
N ALA B 194 16.79 -33.36 -20.39
CA ALA B 194 17.02 -34.65 -19.74
C ALA B 194 18.27 -35.32 -20.30
N THR B 195 18.70 -34.89 -21.48
CA THR B 195 19.89 -35.46 -22.11
C THR B 195 21.13 -35.20 -21.25
N LYS B 196 21.82 -36.27 -20.90
CA LYS B 196 23.02 -36.16 -20.10
C LYS B 196 24.20 -35.78 -20.99
N ALA B 197 25.12 -34.99 -20.45
CA ALA B 197 26.30 -34.55 -21.19
C ALA B 197 27.54 -35.04 -20.48
N VAL B 198 28.26 -35.96 -21.11
CA VAL B 198 29.46 -36.51 -20.52
C VAL B 198 30.69 -36.16 -21.35
N VAL B 199 31.62 -35.40 -20.77
CA VAL B 199 32.84 -35.02 -21.46
C VAL B 199 33.89 -36.09 -21.23
N VAL B 200 34.67 -36.38 -22.26
CA VAL B 200 35.71 -37.39 -22.18
C VAL B 200 37.10 -36.78 -22.36
N GLU B 201 38.06 -37.32 -21.62
CA GLU B 201 39.44 -36.84 -21.71
C GLU B 201 40.44 -37.98 -21.56
N PRO B 202 41.53 -37.92 -22.35
CA PRO B 202 42.56 -38.96 -22.30
C PRO B 202 43.37 -38.87 -21.02
N GLU B 203 44.10 -39.93 -20.72
CA GLU B 203 44.93 -39.98 -19.53
C GLU B 203 45.96 -38.85 -19.54
N GLY B 204 45.98 -38.07 -18.47
CA GLY B 204 46.92 -36.96 -18.39
C GLY B 204 46.24 -35.61 -18.39
N SER B 205 44.91 -35.60 -18.44
CA SER B 205 44.15 -34.35 -18.44
C SER B 205 43.91 -33.87 -17.00
N ILE B 206 44.04 -32.56 -16.79
CA ILE B 206 43.85 -31.98 -15.47
C ILE B 206 42.39 -31.59 -15.22
N LEU B 207 41.53 -31.77 -16.23
CA LEU B 207 40.12 -31.44 -16.12
C LEU B 207 39.39 -32.39 -15.16
N ASN B 208 40.09 -33.43 -14.72
CA ASN B 208 39.50 -34.40 -13.80
C ASN B 208 40.20 -34.42 -12.45
N GLY B 209 41.53 -34.43 -12.46
CA GLY B 209 42.27 -34.45 -11.22
C GLY B 209 43.76 -34.16 -11.30
N GLY B 210 44.50 -34.67 -10.33
CA GLY B 210 45.94 -34.47 -10.28
C GLY B 210 46.72 -34.98 -11.48
N PRO B 211 47.01 -36.29 -11.54
CA PRO B 211 47.76 -36.92 -12.63
C PRO B 211 47.71 -36.19 -13.97
N ALA B 212 48.71 -35.32 -14.19
CA ALA B 212 48.80 -34.54 -15.42
C ALA B 212 50.06 -34.92 -16.19
N HIS B 213 49.89 -35.66 -17.28
CA HIS B 213 51.02 -36.08 -18.11
C HIS B 213 50.68 -36.11 -19.60
N ALA B 214 51.55 -36.75 -20.37
CA ALA B 214 51.35 -36.87 -21.82
C ALA B 214 50.63 -38.18 -22.15
N HIS B 215 49.62 -38.10 -23.01
CA HIS B 215 48.84 -39.27 -23.40
C HIS B 215 49.25 -39.76 -24.78
N ARG B 216 48.73 -40.94 -25.15
CA ARG B 216 49.01 -41.53 -26.45
C ARG B 216 47.85 -41.18 -27.38
N THR B 217 46.67 -41.00 -26.79
CA THR B 217 45.47 -40.64 -27.55
C THR B 217 45.69 -39.30 -28.24
N GLU B 218 45.92 -39.34 -29.54
CA GLU B 218 46.16 -38.13 -30.32
C GLU B 218 44.87 -37.42 -30.71
N GLY B 219 44.72 -36.18 -30.27
CA GLY B 219 43.53 -35.41 -30.61
C GLY B 219 42.95 -34.58 -29.48
N ILE B 220 42.57 -35.25 -28.40
CA ILE B 220 41.97 -34.56 -27.26
C ILE B 220 43.03 -34.08 -26.26
N GLY B 221 42.58 -33.75 -25.05
CA GLY B 221 43.49 -33.28 -24.02
C GLY B 221 43.10 -31.94 -23.45
N VAL B 222 42.70 -31.93 -22.18
CA VAL B 222 42.29 -30.70 -21.51
C VAL B 222 43.33 -30.21 -20.51
N GLU B 223 44.27 -29.39 -20.99
CA GLU B 223 45.33 -28.85 -20.12
C GLU B 223 44.86 -27.51 -19.56
N PHE B 224 43.69 -27.08 -20.01
CA PHE B 224 43.08 -25.82 -19.58
C PHE B 224 41.56 -25.98 -19.66
N ILE B 225 40.86 -25.65 -18.57
CA ILE B 225 39.40 -25.77 -18.56
C ILE B 225 38.80 -24.89 -19.65
N PRO B 226 38.24 -25.50 -20.70
CA PRO B 226 37.64 -24.74 -21.80
C PRO B 226 36.58 -23.76 -21.32
N PRO B 227 36.53 -22.56 -21.93
CA PRO B 227 35.56 -21.52 -21.59
C PRO B 227 34.16 -21.80 -22.12
N PHE B 228 34.08 -22.72 -23.07
CA PHE B 228 32.81 -23.08 -23.70
C PHE B 228 31.87 -23.93 -22.85
N PHE B 229 32.37 -24.47 -21.74
CA PHE B 229 31.58 -25.35 -20.88
C PHE B 229 30.47 -24.70 -20.06
N ASP B 230 30.41 -23.37 -20.09
CA ASP B 230 29.39 -22.65 -19.33
C ASP B 230 28.01 -22.80 -19.97
N GLN B 231 27.99 -23.11 -21.27
CA GLN B 231 26.74 -23.25 -21.99
C GLN B 231 26.08 -24.64 -21.84
N VAL B 232 26.73 -25.53 -21.10
CA VAL B 232 26.19 -26.87 -20.90
C VAL B 232 26.22 -27.36 -19.47
N ARG B 233 25.33 -28.27 -19.15
CA ARG B 233 25.25 -28.88 -17.83
C ARG B 233 25.98 -30.21 -17.96
N ILE B 234 27.23 -30.23 -17.53
CA ILE B 234 28.05 -31.42 -17.60
C ILE B 234 27.72 -32.39 -16.46
N ASP B 235 27.09 -33.49 -16.81
CA ASP B 235 26.70 -34.48 -15.81
C ASP B 235 27.84 -35.38 -15.36
N GLN B 236 28.87 -35.53 -16.19
CA GLN B 236 29.97 -36.39 -15.83
C GLN B 236 31.19 -36.23 -16.74
N THR B 237 32.36 -36.55 -16.20
CA THR B 237 33.62 -36.46 -16.92
C THR B 237 34.33 -37.80 -16.76
N LEU B 238 34.60 -38.49 -17.87
CA LEU B 238 35.28 -39.77 -17.79
C LEU B 238 36.72 -39.65 -18.31
N THR B 239 37.65 -40.27 -17.59
CA THR B 239 39.05 -40.25 -17.98
C THR B 239 39.34 -41.62 -18.61
N ILE B 240 39.94 -41.62 -19.79
CA ILE B 240 40.20 -42.88 -20.48
C ILE B 240 41.67 -43.16 -20.76
N ALA B 241 42.12 -44.34 -20.36
CA ALA B 241 43.51 -44.73 -20.57
C ALA B 241 43.78 -45.02 -22.03
N ASP B 242 45.00 -44.70 -22.47
CA ASP B 242 45.38 -44.94 -23.85
C ASP B 242 45.14 -46.38 -24.27
N ASN B 243 45.47 -47.32 -23.39
CA ASN B 243 45.28 -48.73 -23.71
C ASN B 243 43.82 -49.07 -24.03
N ASP B 244 42.88 -48.39 -23.37
CA ASP B 244 41.47 -48.63 -23.62
C ASP B 244 41.10 -48.01 -24.98
N ALA B 245 41.49 -46.76 -25.18
CA ALA B 245 41.21 -46.06 -26.42
C ALA B 245 41.77 -46.84 -27.60
N PHE B 246 43.05 -47.17 -27.54
CA PHE B 246 43.68 -47.89 -28.63
C PHE B 246 43.16 -49.31 -28.82
N ALA B 247 42.68 -49.92 -27.74
CA ALA B 247 42.15 -51.27 -27.87
C ALA B 247 40.86 -51.17 -28.69
N GLN B 248 40.08 -50.12 -28.45
CA GLN B 248 38.83 -49.91 -29.17
C GLN B 248 39.13 -49.66 -30.65
N VAL B 249 40.21 -48.92 -30.91
CA VAL B 249 40.60 -48.65 -32.29
C VAL B 249 40.85 -49.96 -33.03
N ARG B 250 41.51 -50.90 -32.34
CA ARG B 250 41.83 -52.21 -32.92
C ARG B 250 40.59 -53.09 -33.07
N HIS B 251 39.74 -53.10 -32.06
CA HIS B 251 38.54 -53.93 -32.09
C HIS B 251 37.61 -53.52 -33.23
N LEU B 252 37.30 -52.22 -33.35
CA LEU B 252 36.41 -51.75 -34.42
C LEU B 252 36.92 -52.01 -35.83
N ALA B 253 38.24 -52.01 -36.01
CA ALA B 253 38.79 -52.26 -37.33
C ALA B 253 38.71 -53.75 -37.67
N ARG B 254 39.02 -54.58 -36.69
CA ARG B 254 39.03 -56.03 -36.85
C ARG B 254 37.65 -56.66 -36.99
N ASP B 255 36.71 -56.21 -36.17
CA ASP B 255 35.36 -56.78 -36.18
C ASP B 255 34.24 -55.99 -36.87
N HIS B 256 34.46 -54.71 -37.17
CA HIS B 256 33.39 -53.95 -37.77
C HIS B 256 33.76 -53.06 -38.95
N GLY B 257 34.92 -53.31 -39.55
CA GLY B 257 35.37 -52.54 -40.70
C GLY B 257 35.46 -51.04 -40.49
N LEU B 258 35.51 -50.59 -39.25
CA LEU B 258 35.58 -49.15 -38.96
C LEU B 258 36.99 -48.69 -38.59
N LEU B 259 37.58 -47.89 -39.48
CA LEU B 259 38.93 -47.34 -39.31
C LEU B 259 38.77 -46.00 -38.58
N ILE B 260 39.02 -46.00 -37.27
CA ILE B 260 38.85 -44.81 -36.44
C ILE B 260 40.12 -44.34 -35.72
N GLY B 261 40.16 -43.05 -35.37
CA GLY B 261 41.31 -42.51 -34.67
C GLY B 261 41.28 -42.85 -33.18
N SER B 262 42.39 -42.63 -32.50
CA SER B 262 42.47 -42.92 -31.07
C SER B 262 41.47 -42.11 -30.23
N SER B 263 41.16 -40.88 -30.65
CA SER B 263 40.21 -40.09 -29.87
C SER B 263 38.83 -40.71 -30.03
N SER B 264 38.61 -41.39 -31.15
CA SER B 264 37.33 -42.04 -31.39
C SER B 264 37.24 -43.24 -30.43
N GLY B 265 38.37 -43.95 -30.30
CA GLY B 265 38.42 -45.10 -29.40
C GLY B 265 38.11 -44.69 -27.98
N ALA B 266 38.73 -43.60 -27.54
CA ALA B 266 38.50 -43.11 -26.19
C ALA B 266 37.01 -42.84 -26.00
N ALA B 267 36.41 -42.21 -27.00
CA ALA B 267 34.98 -41.87 -26.99
C ALA B 267 34.12 -43.12 -26.85
N LEU B 268 34.49 -44.16 -27.59
CA LEU B 268 33.73 -45.42 -27.52
C LEU B 268 33.94 -46.04 -26.14
N ALA B 269 35.19 -46.11 -25.70
CA ALA B 269 35.50 -46.70 -24.40
C ALA B 269 34.64 -46.03 -23.34
N ALA B 270 34.56 -44.70 -23.41
CA ALA B 270 33.75 -43.95 -22.44
C ALA B 270 32.27 -44.34 -22.55
N SER B 271 31.77 -44.40 -23.78
CA SER B 271 30.38 -44.75 -24.02
C SER B 271 30.01 -46.15 -23.49
N LEU B 272 30.89 -47.12 -23.68
CA LEU B 272 30.61 -48.47 -23.19
C LEU B 272 30.60 -48.45 -21.67
N GLN B 273 31.56 -47.74 -21.08
CA GLN B 273 31.65 -47.60 -19.65
C GLN B 273 30.36 -46.98 -19.12
N LEU B 274 29.96 -45.88 -19.74
CA LEU B 274 28.75 -45.18 -19.32
C LEU B 274 27.53 -46.09 -19.45
N ALA B 275 27.55 -46.96 -20.45
CA ALA B 275 26.45 -47.87 -20.68
C ALA B 275 26.21 -48.79 -19.48
N THR B 276 27.26 -49.17 -18.78
CA THR B 276 27.09 -50.05 -17.62
C THR B 276 26.51 -49.29 -16.42
N ASN B 277 26.50 -47.96 -16.49
CA ASN B 277 25.96 -47.18 -15.39
C ASN B 277 24.71 -46.41 -15.76
N LEU B 278 24.05 -46.85 -16.82
CA LEU B 278 22.82 -46.18 -17.24
C LEU B 278 21.71 -47.22 -17.29
N PRO B 279 20.46 -46.78 -17.12
CA PRO B 279 19.34 -47.73 -17.17
C PRO B 279 19.40 -48.57 -18.44
N ALA B 280 18.73 -49.71 -18.41
CA ALA B 280 18.69 -50.60 -19.58
C ALA B 280 18.00 -49.91 -20.76
N ASN B 281 18.33 -50.35 -21.96
CA ASN B 281 17.74 -49.80 -23.17
C ASN B 281 17.97 -48.30 -23.34
N SER B 282 19.14 -47.81 -22.97
CA SER B 282 19.46 -46.40 -23.12
C SER B 282 20.02 -46.15 -24.52
N HIS B 283 20.02 -44.90 -24.96
CA HIS B 283 20.55 -44.54 -26.26
C HIS B 283 21.64 -43.49 -26.08
N ILE B 284 22.87 -43.90 -26.37
CA ILE B 284 24.04 -43.07 -26.20
C ILE B 284 24.64 -42.63 -27.54
N VAL B 285 24.86 -41.32 -27.68
CA VAL B 285 25.44 -40.75 -28.90
C VAL B 285 26.83 -40.19 -28.67
N THR B 286 27.77 -40.58 -29.52
CA THR B 286 29.13 -40.07 -29.42
C THR B 286 29.63 -39.62 -30.80
N ILE B 287 30.83 -39.06 -30.85
CA ILE B 287 31.40 -38.56 -32.09
C ILE B 287 32.79 -39.11 -32.40
N PHE B 288 32.99 -39.59 -33.62
CA PHE B 288 34.28 -40.12 -34.08
C PHE B 288 34.83 -39.01 -34.98
N PRO B 289 35.69 -38.14 -34.43
CA PRO B 289 36.27 -37.00 -35.17
C PRO B 289 37.10 -37.28 -36.41
N ASP B 290 37.82 -38.39 -36.45
CA ASP B 290 38.61 -38.71 -37.64
C ASP B 290 39.00 -40.17 -37.76
N SER B 291 39.61 -40.50 -38.89
CA SER B 291 40.03 -41.85 -39.22
C SER B 291 41.38 -42.21 -38.59
N SER B 292 41.78 -43.46 -38.75
CA SER B 292 43.05 -43.92 -38.22
C SER B 292 44.13 -43.76 -39.31
N GLU B 293 43.67 -43.45 -40.53
CA GLU B 293 44.55 -43.26 -41.68
C GLU B 293 45.60 -42.20 -41.44
N ARG B 294 45.23 -41.18 -40.69
CA ARG B 294 46.15 -40.08 -40.40
C ARG B 294 47.20 -40.47 -39.35
N TYR B 295 47.12 -41.69 -38.84
CA TYR B 295 48.06 -42.14 -37.81
C TYR B 295 48.77 -43.44 -38.12
N LEU B 296 48.76 -43.85 -39.38
CA LEU B 296 49.41 -45.10 -39.75
C LEU B 296 50.91 -44.99 -39.45
N SER B 297 51.50 -43.86 -39.82
CA SER B 297 52.92 -43.63 -39.59
C SER B 297 53.27 -43.74 -38.10
N GLN B 298 52.28 -43.51 -37.24
CA GLN B 298 52.50 -43.57 -35.80
C GLN B 298 52.07 -44.90 -35.17
N LYS B 299 52.03 -45.95 -35.99
CA LYS B 299 51.67 -47.29 -35.56
C LYS B 299 50.45 -47.36 -34.63
N ILE B 300 49.35 -46.77 -35.08
CA ILE B 300 48.11 -46.75 -34.30
C ILE B 300 47.52 -48.15 -34.07
N TYR B 301 47.83 -49.08 -34.97
CA TYR B 301 47.30 -50.44 -34.86
C TYR B 301 48.27 -51.44 -34.21
N THR B 302 49.33 -50.94 -33.59
CA THR B 302 50.32 -51.82 -32.95
C THR B 302 50.22 -51.84 -31.44
N LYS B 303 50.77 -52.90 -30.84
CA LYS B 303 50.78 -53.09 -29.39
C LYS B 303 49.39 -53.42 -28.84
N MET C 1 -4.13 -4.05 -4.68
CA MET C 1 -3.58 -3.04 -5.61
C MET C 1 -4.51 -2.69 -6.78
N LEU C 2 -5.51 -3.52 -7.05
CA LEU C 2 -6.46 -3.19 -8.11
C LEU C 2 -7.57 -2.36 -7.45
N ILE C 3 -7.72 -1.10 -7.85
CA ILE C 3 -8.74 -0.24 -7.26
C ILE C 3 -9.67 0.31 -8.32
N GLN C 4 -10.76 0.92 -7.89
CA GLN C 4 -11.74 1.50 -8.80
C GLN C 4 -11.96 3.00 -8.59
N HIS C 5 -11.53 3.51 -7.45
CA HIS C 5 -11.66 4.93 -7.13
C HIS C 5 -10.48 5.38 -6.28
N VAL C 6 -10.02 6.62 -6.46
CA VAL C 6 -8.88 7.11 -5.69
C VAL C 6 -9.20 7.10 -4.19
N GLN C 7 -10.48 7.08 -3.86
CA GLN C 7 -10.91 7.08 -2.48
C GLN C 7 -10.39 5.85 -1.75
N GLU C 8 -10.18 4.76 -2.50
CA GLU C 8 -9.67 3.53 -1.90
C GLU C 8 -8.23 3.73 -1.40
N LEU C 9 -7.57 4.78 -1.87
CA LEU C 9 -6.19 5.03 -1.47
C LEU C 9 -6.07 5.97 -0.27
N ILE C 10 -7.20 6.42 0.26
CA ILE C 10 -7.17 7.31 1.42
C ILE C 10 -6.88 6.51 2.67
N GLY C 11 -5.96 7.00 3.49
CA GLY C 11 -5.64 6.30 4.72
C GLY C 11 -4.61 5.19 4.57
N HIS C 12 -4.42 4.43 5.64
CA HIS C 12 -3.46 3.34 5.66
C HIS C 12 -2.12 3.82 5.12
N THR C 13 -1.74 5.00 5.59
CA THR C 13 -0.50 5.63 5.20
C THR C 13 0.69 5.01 5.91
N PRO C 14 1.88 5.13 5.32
CA PRO C 14 3.08 4.56 5.94
C PRO C 14 3.46 5.25 7.24
N LEU C 15 4.00 4.47 8.16
CA LEU C 15 4.49 4.99 9.42
C LEU C 15 5.98 4.76 9.26
N MET C 16 6.74 5.85 9.14
CA MET C 16 8.18 5.72 8.95
C MET C 16 9.07 5.95 10.16
N ALA C 17 9.86 4.94 10.50
CA ALA C 17 10.82 5.04 11.61
C ALA C 17 11.94 5.87 10.98
N LEU C 18 12.02 7.15 11.33
CA LEU C 18 13.02 8.04 10.74
C LEU C 18 14.47 7.63 11.02
N PRO C 19 15.23 7.32 9.96
CA PRO C 19 16.63 6.91 10.13
C PRO C 19 17.51 8.14 10.35
N ILE C 20 17.24 8.87 11.42
CA ILE C 20 17.99 10.07 11.73
C ILE C 20 18.55 10.02 13.14
N GLU C 21 19.40 10.98 13.46
CA GLU C 21 19.99 11.08 14.78
C GLU C 21 18.92 11.64 15.72
N VAL C 22 18.69 10.96 16.84
CA VAL C 22 17.69 11.40 17.80
C VAL C 22 18.31 11.49 19.19
N PRO C 23 18.04 12.59 19.92
CA PRO C 23 18.60 12.73 21.27
C PRO C 23 18.28 11.56 22.20
N ASN C 24 19.26 11.18 23.03
CA ASN C 24 19.11 10.09 24.01
C ASN C 24 18.78 8.73 23.41
N HIS C 25 19.34 8.44 22.25
CA HIS C 25 19.10 7.15 21.58
C HIS C 25 17.61 6.81 21.49
N SER C 26 16.77 7.80 21.24
CA SER C 26 15.34 7.54 21.14
C SER C 26 14.90 7.39 19.68
N HIS C 27 13.60 7.22 19.45
CA HIS C 27 13.12 7.04 18.09
C HIS C 27 11.88 7.83 17.72
N ILE C 28 11.92 8.46 16.56
CA ILE C 28 10.81 9.25 16.05
C ILE C 28 10.20 8.60 14.81
N TYR C 29 8.90 8.33 14.89
CA TYR C 29 8.14 7.73 13.79
C TYR C 29 7.18 8.78 13.25
N ALA C 30 7.00 8.81 11.93
CA ALA C 30 6.12 9.81 11.34
C ALA C 30 5.12 9.19 10.36
N LYS C 31 3.86 9.64 10.46
CA LYS C 31 2.82 9.16 9.54
C LYS C 31 2.98 10.02 8.30
N LEU C 32 3.26 9.38 7.17
CA LEU C 32 3.46 10.10 5.91
C LEU C 32 2.11 10.28 5.24
N GLU C 33 1.40 11.33 5.66
CA GLU C 33 0.08 11.62 5.14
C GLU C 33 0.04 12.26 3.75
N MET C 34 1.21 12.59 3.20
CA MET C 34 1.25 13.18 1.87
C MET C 34 0.97 12.13 0.80
N PHE C 35 0.95 10.87 1.21
CA PHE C 35 0.69 9.79 0.26
C PHE C 35 -0.79 9.54 0.00
N ASN C 36 -1.63 10.38 0.61
CA ASN C 36 -3.08 10.29 0.39
C ASN C 36 -3.24 10.80 -1.03
N PRO C 37 -4.27 10.33 -1.75
CA PRO C 37 -4.47 10.78 -3.13
C PRO C 37 -4.60 12.29 -3.31
N GLY C 38 -5.05 12.99 -2.27
CA GLY C 38 -5.20 14.43 -2.35
C GLY C 38 -3.93 15.14 -1.94
N GLY C 39 -2.90 14.37 -1.59
CA GLY C 39 -1.63 14.95 -1.21
C GLY C 39 -1.54 15.38 0.24
N SER C 40 -2.58 15.12 1.03
CA SER C 40 -2.54 15.52 2.44
C SER C 40 -3.50 14.75 3.32
N ILE C 41 -3.27 14.85 4.63
CA ILE C 41 -4.07 14.21 5.66
C ILE C 41 -5.53 14.66 5.58
N ASP C 43 -7.48 14.56 3.24
CA ASP C 43 -8.31 13.67 2.46
C ASP C 43 -9.20 12.92 3.46
N ARG C 44 -8.65 12.68 4.66
CA ARG C 44 -9.39 11.96 5.71
C ARG C 44 -10.51 12.83 6.29
N LEU C 45 -10.23 14.11 6.48
CA LEU C 45 -11.18 15.07 7.05
C LEU C 45 -12.39 15.27 6.13
N GLY C 46 -12.13 15.56 4.86
CA GLY C 46 -13.21 15.78 3.93
C GLY C 46 -14.20 14.64 3.90
N ALA C 47 -13.69 13.43 3.74
CA ALA C 47 -14.53 12.25 3.67
C ALA C 47 -15.43 12.10 4.89
N TYR C 48 -14.87 12.31 6.07
CA TYR C 48 -15.63 12.16 7.30
C TYR C 48 -16.63 13.29 7.53
N LEU C 49 -16.26 14.52 7.17
CA LEU C 49 -17.17 15.65 7.35
C LEU C 49 -18.42 15.46 6.50
N ILE C 50 -18.26 14.93 5.29
CA ILE C 50 -19.42 14.73 4.43
C ILE C 50 -20.24 13.55 4.95
N GLU C 51 -19.55 12.48 5.35
CA GLU C 51 -20.25 11.31 5.87
C GLU C 51 -21.06 11.73 7.10
N ASP C 52 -20.45 12.51 7.98
CA ASP C 52 -21.12 12.97 9.17
C ASP C 52 -22.33 13.83 8.80
N GLY C 53 -22.15 14.71 7.81
CA GLY C 53 -23.24 15.57 7.38
C GLY C 53 -24.40 14.77 6.84
N LEU C 54 -24.09 13.72 6.10
CA LEU C 54 -25.14 12.87 5.54
C LEU C 54 -25.82 12.07 6.65
N GLN C 55 -25.03 11.57 7.59
CA GLN C 55 -25.57 10.79 8.70
C GLN C 55 -26.47 11.61 9.62
N ARG C 56 -26.17 12.90 9.78
CA ARG C 56 -26.96 13.78 10.64
C ARG C 56 -28.14 14.42 9.91
N GLY C 57 -28.41 13.93 8.71
CA GLY C 57 -29.51 14.47 7.91
C GLY C 57 -29.41 15.94 7.56
N ARG C 58 -28.18 16.46 7.51
CA ARG C 58 -27.97 17.86 7.18
C ARG C 58 -27.64 18.02 5.71
N VAL C 59 -27.45 16.90 5.02
CA VAL C 59 -27.09 16.93 3.60
C VAL C 59 -27.96 16.00 2.77
N ASN C 60 -28.31 16.41 1.56
CA ASN C 60 -29.09 15.56 0.66
C ASN C 60 -28.46 15.71 -0.72
N ALA C 61 -28.90 14.89 -1.68
CA ALA C 61 -28.33 14.91 -3.02
C ALA C 61 -28.17 16.26 -3.72
N LYS C 62 -29.06 17.20 -3.44
CA LYS C 62 -28.97 18.51 -4.10
C LYS C 62 -28.35 19.61 -3.23
N THR C 63 -27.92 19.26 -2.03
CA THR C 63 -27.32 20.22 -1.11
C THR C 63 -26.03 20.87 -1.62
N THR C 64 -25.85 22.14 -1.30
CA THR C 64 -24.63 22.84 -1.71
C THR C 64 -23.70 22.87 -0.51
N ILE C 65 -22.52 22.26 -0.65
CA ILE C 65 -21.55 22.24 0.45
C ILE C 65 -20.73 23.53 0.41
N ILE C 66 -20.72 24.25 1.52
CA ILE C 66 -20.00 25.52 1.62
C ILE C 66 -19.01 25.49 2.79
N GLU C 67 -17.73 25.70 2.50
CA GLU C 67 -16.73 25.67 3.56
C GLU C 67 -15.58 26.67 3.42
N PRO C 68 -15.24 27.35 4.52
CA PRO C 68 -14.14 28.31 4.52
C PRO C 68 -12.85 27.50 4.69
N THR C 69 -11.85 27.78 3.87
CA THR C 69 -10.59 27.05 3.96
C THR C 69 -9.43 27.88 3.46
N ALA C 70 -8.26 27.65 4.04
CA ALA C 70 -7.05 28.37 3.65
C ALA C 70 -6.08 27.42 2.95
N GLY C 71 -6.50 26.16 2.75
CA GLY C 71 -5.62 25.22 2.10
C GLY C 71 -6.11 23.81 1.81
N ASN C 72 -5.41 22.83 2.38
CA ASN C 72 -5.70 21.42 2.17
C ASN C 72 -7.12 20.93 2.45
N THR C 73 -7.83 21.56 3.38
CA THR C 73 -9.19 21.08 3.64
C THR C 73 -10.03 21.22 2.36
N GLY C 74 -9.82 22.30 1.62
CA GLY C 74 -10.57 22.50 0.40
C GLY C 74 -10.40 21.34 -0.55
N ILE C 75 -9.17 20.87 -0.69
CA ILE C 75 -8.86 19.75 -1.57
C ILE C 75 -9.50 18.46 -1.08
N GLY C 76 -9.27 18.13 0.19
CA GLY C 76 -9.84 16.91 0.76
C GLY C 76 -11.36 16.88 0.70
N LEU C 77 -11.98 18.02 0.97
CA LEU C 77 -13.43 18.11 0.93
C LEU C 77 -13.92 17.96 -0.51
N ALA C 78 -13.27 18.67 -1.44
CA ALA C 78 -13.65 18.60 -2.85
C ALA C 78 -13.60 17.17 -3.37
N LEU C 79 -12.64 16.39 -2.86
CA LEU C 79 -12.46 15.00 -3.25
C LEU C 79 -13.68 14.19 -2.80
N ALA C 80 -14.10 14.41 -1.57
CA ALA C 80 -15.24 13.70 -1.01
C ALA C 80 -16.59 14.13 -1.59
N THR C 81 -16.77 15.42 -1.81
CA THR C 81 -18.04 15.90 -2.36
C THR C 81 -18.23 15.40 -3.78
N GLN C 82 -17.15 15.35 -4.55
CA GLN C 82 -17.22 14.87 -5.91
C GLN C 82 -17.57 13.37 -5.91
N ALA C 83 -17.14 12.67 -4.86
CA ALA C 83 -17.45 11.25 -4.74
C ALA C 83 -18.94 11.06 -4.49
N HIS C 84 -19.55 12.04 -3.81
CA HIS C 84 -20.98 11.99 -3.52
C HIS C 84 -21.80 12.83 -4.48
N HIS C 85 -21.18 13.32 -5.56
CA HIS C 85 -21.87 14.18 -6.53
C HIS C 85 -22.52 15.37 -5.84
N LEU C 86 -21.82 15.95 -4.88
CA LEU C 86 -22.35 17.09 -4.14
C LEU C 86 -21.73 18.41 -4.61
N ARG C 87 -22.60 19.38 -4.90
CA ARG C 87 -22.16 20.71 -5.35
C ARG C 87 -21.28 21.30 -4.25
N THR C 88 -20.21 21.97 -4.64
CA THR C 88 -19.29 22.53 -3.66
C THR C 88 -18.80 23.95 -3.89
N ILE C 89 -18.90 24.76 -2.85
CA ILE C 89 -18.42 26.14 -2.90
C ILE C 89 -17.38 26.30 -1.79
N LEU C 90 -16.17 26.71 -2.16
CA LEU C 90 -15.13 26.90 -1.17
C LEU C 90 -14.77 28.38 -1.08
N VAL C 91 -14.80 28.90 0.14
CA VAL C 91 -14.49 30.30 0.39
C VAL C 91 -13.06 30.36 0.93
N VAL C 92 -12.16 30.98 0.17
CA VAL C 92 -10.76 31.07 0.56
C VAL C 92 -10.18 32.46 0.37
N PRO C 93 -9.34 32.92 1.31
CA PRO C 93 -8.71 34.25 1.22
C PRO C 93 -7.97 34.41 -0.10
N GLU C 94 -8.25 35.53 -0.77
CA GLU C 94 -7.69 35.87 -2.08
C GLU C 94 -6.37 35.24 -2.56
N LYS C 95 -5.27 35.59 -1.92
CA LYS C 95 -3.99 35.06 -2.37
C LYS C 95 -3.37 33.95 -1.52
N PHE C 96 -4.19 33.22 -0.78
CA PHE C 96 -3.69 32.14 0.05
C PHE C 96 -3.49 30.89 -0.81
N SER C 97 -2.36 30.22 -0.62
CA SER C 97 -2.02 29.00 -1.35
C SER C 97 -2.52 28.92 -2.79
N MET C 98 -1.70 29.36 -3.73
CA MET C 98 -2.07 29.34 -5.13
C MET C 98 -2.25 27.93 -5.70
N GLU C 99 -1.26 27.07 -5.51
CA GLU C 99 -1.32 25.70 -6.01
C GLU C 99 -2.54 24.95 -5.47
N LYS C 100 -2.88 25.18 -4.21
CA LYS C 100 -4.02 24.51 -3.61
C LYS C 100 -5.33 24.95 -4.27
N GLN C 101 -5.41 26.23 -4.63
CA GLN C 101 -6.59 26.76 -5.29
C GLN C 101 -6.80 26.11 -6.64
N VAL C 102 -5.72 25.98 -7.43
CA VAL C 102 -5.83 25.35 -8.73
C VAL C 102 -6.39 23.93 -8.53
N LEU C 103 -5.86 23.20 -7.55
CA LEU C 103 -6.32 21.85 -7.28
C LEU C 103 -7.80 21.85 -6.85
N MET C 104 -8.16 22.78 -5.98
CA MET C 104 -9.54 22.89 -5.51
C MET C 104 -10.49 23.04 -6.70
N GLN C 105 -10.09 23.85 -7.67
CA GLN C 105 -10.93 24.08 -8.86
C GLN C 105 -10.89 22.90 -9.81
N ALA C 106 -9.74 22.25 -9.93
CA ALA C 106 -9.61 21.12 -10.83
C ALA C 106 -10.50 19.97 -10.37
N LEU C 107 -10.79 19.93 -9.08
CA LEU C 107 -11.63 18.89 -8.52
C LEU C 107 -13.11 19.22 -8.58
N GLY C 108 -13.43 20.35 -9.21
CA GLY C 108 -14.84 20.72 -9.36
C GLY C 108 -15.41 21.71 -8.38
N ALA C 109 -14.61 22.15 -7.42
CA ALA C 109 -15.10 23.12 -6.45
C ALA C 109 -15.14 24.51 -7.09
N GLU C 110 -16.13 25.30 -6.71
CA GLU C 110 -16.27 26.66 -7.21
C GLU C 110 -15.73 27.52 -6.07
N ILE C 111 -14.80 28.42 -6.39
CA ILE C 111 -14.22 29.27 -5.35
C ILE C 111 -14.75 30.71 -5.28
N VAL C 112 -14.93 31.18 -4.05
CA VAL C 112 -15.36 32.54 -3.79
C VAL C 112 -14.22 33.13 -2.95
N HIS C 113 -13.73 34.30 -3.35
CA HIS C 113 -12.62 34.94 -2.64
C HIS C 113 -12.99 36.01 -1.62
N THR C 114 -12.27 36.02 -0.51
CA THR C 114 -12.46 37.01 0.53
C THR C 114 -11.11 37.71 0.69
N PRO C 115 -11.12 38.97 1.15
CA PRO C 115 -9.89 39.76 1.34
C PRO C 115 -8.78 39.03 2.10
N SER C 116 -7.55 39.14 1.60
CA SER C 116 -6.41 38.49 2.23
C SER C 116 -6.18 39.01 3.64
N GLU C 117 -6.29 40.32 3.80
CA GLU C 117 -6.09 40.98 5.09
C GLU C 117 -6.99 40.45 6.20
N GLU C 118 -8.11 39.83 5.82
CA GLU C 118 -9.04 39.32 6.81
C GLU C 118 -8.78 37.88 7.21
N GLY C 119 -8.01 37.17 6.39
CA GLY C 119 -7.67 35.80 6.68
C GLY C 119 -8.86 34.85 6.77
N ILE C 120 -8.64 33.74 7.46
CA ILE C 120 -9.66 32.72 7.62
C ILE C 120 -10.92 33.26 8.30
N LYS C 121 -10.76 34.26 9.16
CA LYS C 121 -11.90 34.85 9.86
C LYS C 121 -12.88 35.40 8.84
N GLY C 122 -12.36 36.10 7.83
CA GLY C 122 -13.22 36.65 6.81
C GLY C 122 -13.89 35.55 6.01
N ALA C 123 -13.11 34.55 5.63
CA ALA C 123 -13.62 33.43 4.87
C ALA C 123 -14.75 32.73 5.62
N ILE C 124 -14.59 32.62 6.93
CA ILE C 124 -15.62 32.00 7.77
C ILE C 124 -16.90 32.81 7.73
N ARG C 125 -16.76 34.13 7.82
CA ARG C 125 -17.92 35.03 7.81
C ARG C 125 -18.66 34.98 6.47
N LYS C 126 -17.92 34.98 5.37
CA LYS C 126 -18.54 34.93 4.06
C LYS C 126 -19.19 33.56 3.81
N ALA C 127 -18.59 32.51 4.36
CA ALA C 127 -19.13 31.16 4.19
C ALA C 127 -20.50 31.11 4.85
N GLU C 128 -20.60 31.70 6.03
CA GLU C 128 -21.86 31.73 6.77
C GLU C 128 -22.89 32.60 6.04
N ALA C 129 -22.43 33.73 5.50
CA ALA C 129 -23.31 34.66 4.80
C ALA C 129 -23.86 34.00 3.53
N LEU C 130 -22.99 33.29 2.81
CA LEU C 130 -23.41 32.61 1.59
C LEU C 130 -24.40 31.50 1.94
N ALA C 131 -24.16 30.82 3.06
CA ALA C 131 -25.05 29.74 3.46
C ALA C 131 -26.45 30.29 3.70
N ALA C 132 -26.52 31.54 4.12
CA ALA C 132 -27.82 32.18 4.39
C ALA C 132 -28.61 32.50 3.13
N THR C 133 -27.91 32.61 1.99
CA THR C 133 -28.56 32.89 0.71
C THR C 133 -28.79 31.64 -0.13
N ILE C 134 -28.59 30.48 0.47
CA ILE C 134 -28.82 29.21 -0.23
C ILE C 134 -29.55 28.28 0.73
N SER C 135 -30.85 28.14 0.54
CA SER C 135 -31.68 27.33 1.41
C SER C 135 -31.11 25.94 1.66
N ASN C 136 -30.89 25.17 0.59
CA ASN C 136 -30.36 23.84 0.73
C ASN C 136 -28.83 23.82 0.73
N SER C 137 -28.25 24.21 1.85
CA SER C 137 -26.81 24.24 1.97
C SER C 137 -26.32 23.67 3.30
N TYR C 138 -25.03 23.40 3.40
CA TYR C 138 -24.44 22.86 4.62
C TYR C 138 -23.01 23.34 4.78
N VAL C 139 -22.68 23.83 5.97
CA VAL C 139 -21.33 24.29 6.23
C VAL C 139 -20.66 23.35 7.22
N PRO C 140 -19.77 22.48 6.73
CA PRO C 140 -19.10 21.55 7.65
C PRO C 140 -18.53 22.28 8.86
N MET C 141 -17.95 23.46 8.62
CA MET C 141 -17.38 24.26 9.68
C MET C 141 -16.33 23.44 10.41
N GLN C 142 -15.21 23.21 9.74
CA GLN C 142 -14.11 22.41 10.28
C GLN C 142 -13.50 22.92 11.58
N PHE C 143 -13.55 24.22 11.81
CA PHE C 143 -12.96 24.77 13.03
C PHE C 143 -13.75 24.59 14.30
N LYS C 144 -14.99 24.13 14.19
CA LYS C 144 -15.81 23.92 15.38
C LYS C 144 -16.51 22.58 15.38
N ASN C 145 -16.57 21.94 14.22
CA ASN C 145 -17.23 20.64 14.08
C ASN C 145 -16.45 19.51 14.74
N PRO C 146 -17.07 18.81 15.71
CA PRO C 146 -16.42 17.70 16.40
C PRO C 146 -16.10 16.54 15.47
N ALA C 147 -16.73 16.52 14.30
CA ALA C 147 -16.49 15.45 13.33
C ALA C 147 -15.06 15.55 12.81
N ASN C 148 -14.44 16.70 13.04
CA ASN C 148 -13.06 16.94 12.61
C ASN C 148 -12.13 15.97 13.36
N PRO C 149 -11.97 16.17 14.69
CA PRO C 149 -11.10 15.25 15.43
C PRO C 149 -11.55 13.80 15.30
N ALA C 150 -12.85 13.61 15.19
CA ALA C 150 -13.42 12.27 15.07
C ALA C 150 -12.87 11.54 13.85
N ALA C 151 -12.61 12.28 12.77
CA ALA C 151 -12.11 11.68 11.54
C ALA C 151 -10.81 10.92 11.73
N TYR C 152 -9.91 11.49 12.53
CA TYR C 152 -8.62 10.85 12.75
C TYR C 152 -8.66 9.85 13.90
N TYR C 153 -9.54 10.12 14.87
CA TYR C 153 -9.69 9.26 16.03
C TYR C 153 -10.02 7.82 15.64
N HIS C 154 -10.84 7.63 14.61
CA HIS C 154 -11.26 6.31 14.18
C HIS C 154 -10.46 5.70 13.03
N THR C 155 -9.54 6.48 12.46
CA THR C 155 -8.76 6.00 11.33
C THR C 155 -7.26 6.11 11.59
N LEU C 156 -6.72 7.31 11.45
CA LEU C 156 -5.30 7.54 11.65
C LEU C 156 -4.77 6.97 12.98
N ALA C 157 -5.41 7.33 14.09
CA ALA C 157 -4.98 6.86 15.41
C ALA C 157 -4.80 5.34 15.46
N PRO C 158 -5.85 4.56 15.15
CA PRO C 158 -5.71 3.11 15.18
C PRO C 158 -4.60 2.59 14.26
N GLU C 159 -4.40 3.25 13.11
CA GLU C 159 -3.37 2.86 12.16
C GLU C 159 -1.99 2.96 12.80
N ILE C 160 -1.81 3.98 13.64
CA ILE C 160 -0.54 4.19 14.33
C ILE C 160 -0.20 3.02 15.24
N LEU C 161 -1.16 2.64 16.08
CA LEU C 161 -0.96 1.55 17.01
C LEU C 161 -0.68 0.22 16.30
N ALA C 162 -1.32 0.02 15.15
CA ALA C 162 -1.14 -1.22 14.41
C ALA C 162 0.26 -1.36 13.81
N ASP C 163 0.95 -0.24 13.62
CA ASP C 163 2.29 -0.26 13.02
C ASP C 163 3.41 -0.06 14.02
N MET C 164 3.11 0.55 15.17
CA MET C 164 4.14 0.81 16.16
C MET C 164 4.77 -0.48 16.68
N PRO C 165 6.10 -0.51 16.79
CA PRO C 165 6.83 -1.69 17.28
C PRO C 165 7.04 -1.62 18.80
N ALA C 166 6.54 -0.56 19.43
CA ALA C 166 6.69 -0.38 20.87
C ALA C 166 5.64 0.59 21.40
N PRO C 167 5.49 0.67 22.74
CA PRO C 167 4.51 1.59 23.31
C PRO C 167 4.90 3.03 23.01
N ILE C 168 3.91 3.88 22.77
CA ILE C 168 4.19 5.27 22.45
C ILE C 168 4.48 6.14 23.67
N THR C 169 5.73 6.57 23.79
CA THR C 169 6.14 7.43 24.89
C THR C 169 5.39 8.77 24.75
N ALA C 170 5.45 9.37 23.57
CA ALA C 170 4.77 10.65 23.34
C ALA C 170 4.30 10.86 21.91
N PHE C 171 3.16 11.53 21.79
CA PHE C 171 2.56 11.86 20.51
C PHE C 171 2.80 13.35 20.31
N VAL C 172 3.23 13.73 19.11
CA VAL C 172 3.55 15.11 18.78
C VAL C 172 2.94 15.49 17.43
N ALA C 173 2.17 16.57 17.40
CA ALA C 173 1.55 17.05 16.15
C ALA C 173 1.25 18.55 16.20
N GLY C 174 1.39 19.21 15.05
CA GLY C 174 1.12 20.63 15.00
C GLY C 174 -0.38 20.90 14.99
N ALA C 175 -0.79 22.06 15.46
CA ALA C 175 -2.21 22.36 15.47
C ALA C 175 -2.59 23.59 14.67
N GLY C 176 -3.57 23.40 13.79
CA GLY C 176 -4.11 24.49 12.99
C GLY C 176 -5.48 24.63 13.63
N SER C 177 -6.37 23.72 13.27
CA SER C 177 -7.71 23.70 13.83
C SER C 177 -7.63 22.87 15.12
N GLY C 178 -6.55 22.10 15.23
CA GLY C 178 -6.35 21.26 16.40
C GLY C 178 -7.02 19.90 16.28
N GLY C 179 -7.72 19.68 15.17
CA GLY C 179 -8.41 18.41 14.97
C GLY C 179 -7.53 17.18 14.97
N THR C 180 -6.46 17.21 14.18
CA THR C 180 -5.56 16.07 14.09
C THR C 180 -4.99 15.66 15.46
N PHE C 181 -4.37 16.60 16.15
CA PHE C 181 -3.77 16.35 17.44
C PHE C 181 -4.81 15.84 18.45
N ALA C 182 -5.91 16.57 18.57
CA ALA C 182 -6.95 16.21 19.52
C ALA C 182 -7.59 14.85 19.22
N GLY C 183 -7.82 14.56 17.94
CA GLY C 183 -8.43 13.29 17.59
C GLY C 183 -7.53 12.08 17.86
N VAL C 184 -6.29 12.18 17.41
CA VAL C 184 -5.31 11.10 17.59
C VAL C 184 -4.93 10.96 19.06
N ALA C 185 -4.58 12.08 19.70
CA ALA C 185 -4.20 12.06 21.11
C ALA C 185 -5.29 11.40 21.96
N ALA C 186 -6.53 11.84 21.79
CA ALA C 186 -7.61 11.26 22.57
C ALA C 186 -7.61 9.75 22.42
N TYR C 187 -7.52 9.26 21.19
CA TYR C 187 -7.54 7.81 20.98
C TYR C 187 -6.32 7.12 21.60
N LEU C 188 -5.14 7.70 21.40
CA LEU C 188 -3.93 7.12 21.94
C LEU C 188 -3.98 7.05 23.47
N GLN C 189 -4.33 8.18 24.10
CA GLN C 189 -4.39 8.26 25.55
C GLN C 189 -5.47 7.35 26.13
N ALA C 190 -6.53 7.13 25.35
CA ALA C 190 -7.61 6.28 25.80
C ALA C 190 -7.12 4.83 25.86
N GLN C 191 -6.17 4.49 24.99
CA GLN C 191 -5.60 3.15 24.92
C GLN C 191 -4.47 3.01 25.94
N ASP C 192 -3.76 4.10 26.19
CA ASP C 192 -2.65 4.09 27.12
C ASP C 192 -2.51 5.47 27.73
N SER C 193 -3.13 5.66 28.89
CA SER C 193 -3.10 6.94 29.58
C SER C 193 -1.68 7.45 29.80
N ALA C 194 -0.70 6.56 29.75
CA ALA C 194 0.69 6.94 29.96
C ALA C 194 1.25 7.77 28.81
N THR C 195 0.65 7.63 27.64
CA THR C 195 1.10 8.37 26.46
C THR C 195 0.98 9.87 26.62
N LYS C 196 2.11 10.56 26.46
CA LYS C 196 2.15 12.01 26.57
C LYS C 196 1.68 12.61 25.25
N ALA C 197 0.87 13.66 25.35
CA ALA C 197 0.36 14.35 24.17
C ALA C 197 0.95 15.74 24.16
N VAL C 198 1.69 16.06 23.10
CA VAL C 198 2.34 17.35 22.97
C VAL C 198 1.89 18.07 21.69
N VAL C 199 1.37 19.28 21.85
CA VAL C 199 0.91 20.06 20.71
C VAL C 199 2.01 21.02 20.25
N VAL C 200 2.10 21.20 18.94
CA VAL C 200 3.11 22.07 18.34
C VAL C 200 2.51 23.26 17.63
N GLU C 201 3.14 24.42 17.79
CA GLU C 201 2.66 25.64 17.15
C GLU C 201 3.79 26.41 16.48
N PRO C 202 3.49 27.07 15.34
CA PRO C 202 4.48 27.84 14.58
C PRO C 202 4.81 29.19 15.22
N GLU C 203 5.69 29.94 14.55
CA GLU C 203 6.11 31.25 15.03
C GLU C 203 4.95 32.24 15.03
N GLY C 204 4.54 32.69 16.20
CA GLY C 204 3.45 33.66 16.27
C GLY C 204 2.07 33.12 16.58
N SER C 205 2.00 32.11 17.44
CA SER C 205 0.72 31.54 17.82
C SER C 205 0.43 31.95 19.26
N ILE C 206 -0.85 32.02 19.61
CA ILE C 206 -1.25 32.41 20.97
C ILE C 206 -1.54 31.23 21.89
N LEU C 207 -1.27 30.01 21.42
CA LEU C 207 -1.51 28.81 22.20
C LEU C 207 -0.51 28.68 23.35
N ASN C 208 0.59 29.41 23.27
CA ASN C 208 1.62 29.39 24.30
C ASN C 208 1.93 30.80 24.79
N GLY C 209 0.88 31.61 24.93
CA GLY C 209 1.03 32.97 25.39
C GLY C 209 2.03 33.80 24.60
N GLY C 210 2.27 33.40 23.35
CA GLY C 210 3.22 34.12 22.52
C GLY C 210 2.59 35.26 21.73
N PRO C 211 3.40 36.06 21.02
CA PRO C 211 2.90 37.18 20.23
C PRO C 211 2.15 36.71 18.98
N ALA C 212 1.10 37.43 18.61
CA ALA C 212 0.30 37.08 17.45
C ALA C 212 0.76 37.80 16.18
N HIS C 213 1.41 37.07 15.29
CA HIS C 213 1.88 37.63 14.03
C HIS C 213 1.90 36.58 12.92
N ALA C 214 2.29 36.99 11.71
CA ALA C 214 2.35 36.10 10.56
C ALA C 214 3.60 35.22 10.56
N HIS C 215 3.42 33.92 10.31
CA HIS C 215 4.54 32.99 10.28
C HIS C 215 4.77 32.44 8.88
N ARG C 216 5.95 31.86 8.66
CA ARG C 216 6.30 31.28 7.37
C ARG C 216 5.70 29.87 7.26
N THR C 217 5.83 29.09 8.32
CA THR C 217 5.30 27.73 8.36
C THR C 217 3.84 27.77 7.92
N GLU C 218 3.51 27.02 6.87
CA GLU C 218 2.16 26.99 6.34
C GLU C 218 1.35 25.77 6.81
N GLY C 219 0.10 26.02 7.20
CA GLY C 219 -0.77 24.94 7.66
C GLY C 219 -1.20 24.98 9.11
N ILE C 220 -0.29 25.35 10.01
CA ILE C 220 -0.62 25.41 11.42
C ILE C 220 -0.83 26.84 11.93
N GLY C 221 -0.93 26.98 13.25
CA GLY C 221 -1.16 28.28 13.86
C GLY C 221 -2.58 28.39 14.39
N VAL C 222 -2.73 28.90 15.61
CA VAL C 222 -4.06 29.04 16.21
C VAL C 222 -4.37 30.45 16.70
N GLU C 223 -5.53 30.96 16.31
CA GLU C 223 -5.98 32.30 16.72
C GLU C 223 -6.60 32.18 18.11
N PHE C 224 -7.62 31.33 18.20
CA PHE C 224 -8.30 31.08 19.45
C PHE C 224 -8.04 29.62 19.82
N ILE C 225 -8.10 29.30 21.11
CA ILE C 225 -7.85 27.94 21.54
C ILE C 225 -8.88 26.97 20.94
N PRO C 226 -8.41 25.98 20.18
CA PRO C 226 -9.34 25.02 19.57
C PRO C 226 -10.23 24.37 20.64
N PRO C 227 -11.51 24.19 20.33
CA PRO C 227 -12.46 23.58 21.27
C PRO C 227 -12.22 22.08 21.47
N PHE C 228 -11.51 21.48 20.53
CA PHE C 228 -11.24 20.05 20.56
C PHE C 228 -10.27 19.61 21.65
N PHE C 229 -9.46 20.54 22.14
CA PHE C 229 -8.47 20.24 23.17
C PHE C 229 -9.06 19.72 24.48
N ASP C 230 -10.39 19.74 24.58
CA ASP C 230 -11.09 19.26 25.77
C ASP C 230 -10.87 17.78 26.06
N GLN C 231 -10.81 16.98 25.01
CA GLN C 231 -10.65 15.53 25.18
C GLN C 231 -9.21 15.07 25.30
N VAL C 232 -8.28 15.99 25.54
CA VAL C 232 -6.88 15.62 25.65
C VAL C 232 -6.18 16.14 26.91
N ARG C 233 -5.26 15.34 27.43
CA ARG C 233 -4.48 15.78 28.57
C ARG C 233 -3.20 16.26 27.90
N ILE C 234 -3.15 17.54 27.55
CA ILE C 234 -1.98 18.11 26.89
C ILE C 234 -0.85 18.29 27.89
N ASP C 235 0.18 17.45 27.75
CA ASP C 235 1.32 17.49 28.64
C ASP C 235 2.29 18.63 28.34
N GLN C 236 2.25 19.17 27.13
CA GLN C 236 3.16 20.24 26.79
C GLN C 236 2.89 20.85 25.41
N THR C 237 3.14 22.15 25.29
CA THR C 237 2.95 22.86 24.03
C THR C 237 4.32 23.37 23.62
N LEU C 238 4.75 23.03 22.41
CA LEU C 238 6.06 23.49 21.94
C LEU C 238 5.89 24.53 20.84
N THR C 239 6.70 25.57 20.89
CA THR C 239 6.65 26.62 19.89
C THR C 239 7.90 26.50 19.04
N ILE C 240 7.75 26.36 17.73
CA ILE C 240 8.89 26.19 16.84
C ILE C 240 9.15 27.35 15.88
N ALA C 241 10.41 27.73 15.76
CA ALA C 241 10.79 28.81 14.87
C ALA C 241 10.78 28.33 13.42
N ASP C 242 10.49 29.23 12.49
CA ASP C 242 10.45 28.89 11.08
C ASP C 242 11.80 28.39 10.66
N ASN C 243 12.84 28.94 11.28
CA ASN C 243 14.21 28.54 10.97
C ASN C 243 14.36 27.02 11.11
N ASP C 244 13.92 26.51 12.25
CA ASP C 244 14.01 25.09 12.54
C ASP C 244 13.13 24.24 11.62
N ALA C 245 11.89 24.67 11.43
CA ALA C 245 10.97 23.93 10.58
C ALA C 245 11.55 23.73 9.19
N PHE C 246 11.90 24.83 8.52
CA PHE C 246 12.44 24.76 7.16
C PHE C 246 13.79 24.07 7.08
N ALA C 247 14.53 24.04 8.19
CA ALA C 247 15.82 23.35 8.20
C ALA C 247 15.51 21.85 8.09
N GLN C 248 14.52 21.41 8.87
CA GLN C 248 14.13 20.02 8.84
C GLN C 248 13.62 19.66 7.45
N VAL C 249 12.92 20.59 6.80
CA VAL C 249 12.41 20.31 5.46
C VAL C 249 13.59 20.04 4.53
N ARG C 250 14.61 20.90 4.60
CA ARG C 250 15.80 20.77 3.77
C ARG C 250 16.61 19.50 4.08
N HIS C 251 16.77 19.21 5.37
CA HIS C 251 17.56 18.05 5.80
C HIS C 251 16.93 16.72 5.42
N LEU C 252 15.63 16.58 5.66
CA LEU C 252 14.96 15.33 5.34
C LEU C 252 14.98 15.03 3.85
N ALA C 253 14.91 16.05 3.02
CA ALA C 253 14.94 15.86 1.56
C ALA C 253 16.34 15.51 1.09
N ARG C 254 17.33 16.22 1.61
CA ARG C 254 18.74 16.03 1.24
C ARG C 254 19.32 14.69 1.69
N ASP C 255 18.95 14.26 2.89
CA ASP C 255 19.47 13.02 3.44
C ASP C 255 18.62 11.77 3.27
N HIS C 256 17.30 11.94 3.21
CA HIS C 256 16.41 10.78 3.12
C HIS C 256 15.34 10.74 2.04
N GLY C 257 15.34 11.70 1.13
CA GLY C 257 14.35 11.70 0.06
C GLY C 257 12.92 11.91 0.54
N LEU C 258 12.77 12.54 1.68
CA LEU C 258 11.43 12.80 2.19
C LEU C 258 11.08 14.24 1.87
N LEU C 259 10.07 14.41 1.02
CA LEU C 259 9.61 15.73 0.60
C LEU C 259 8.45 16.11 1.51
N ILE C 260 8.74 16.85 2.57
CA ILE C 260 7.72 17.25 3.54
C ILE C 260 7.43 18.74 3.55
N GLY C 261 6.21 19.10 3.95
CA GLY C 261 5.83 20.49 4.02
C GLY C 261 6.46 21.15 5.23
N SER C 262 6.39 22.48 5.30
CA SER C 262 6.99 23.19 6.42
C SER C 262 6.39 22.82 7.76
N SER C 263 5.11 22.44 7.79
CA SER C 263 4.50 22.07 9.07
C SER C 263 5.05 20.70 9.52
N SER C 264 5.56 19.92 8.57
CA SER C 264 6.13 18.62 8.89
C SER C 264 7.47 18.90 9.55
N GLY C 265 8.22 19.84 8.99
CA GLY C 265 9.50 20.20 9.58
C GLY C 265 9.33 20.68 11.01
N ALA C 266 8.26 21.44 11.25
CA ALA C 266 7.99 21.95 12.57
C ALA C 266 7.66 20.82 13.54
N ALA C 267 6.91 19.83 13.04
CA ALA C 267 6.56 18.68 13.88
C ALA C 267 7.79 17.83 14.18
N LEU C 268 8.72 17.76 13.22
CA LEU C 268 9.93 16.97 13.46
C LEU C 268 10.84 17.71 14.43
N ALA C 269 11.03 19.00 14.18
CA ALA C 269 11.88 19.81 15.06
C ALA C 269 11.36 19.72 16.49
N ALA C 270 10.04 19.71 16.64
CA ALA C 270 9.44 19.63 17.97
C ALA C 270 9.73 18.26 18.58
N SER C 271 9.58 17.22 17.77
CA SER C 271 9.83 15.85 18.22
C SER C 271 11.28 15.66 18.67
N LEU C 272 12.20 16.28 17.96
CA LEU C 272 13.62 16.19 18.30
C LEU C 272 13.85 16.89 19.64
N GLN C 273 13.20 18.03 19.83
CA GLN C 273 13.33 18.79 21.07
C GLN C 273 12.81 17.98 22.25
N LEU C 274 11.62 17.41 22.08
CA LEU C 274 11.01 16.61 23.13
C LEU C 274 11.93 15.45 23.49
N ALA C 275 12.62 14.90 22.49
CA ALA C 275 13.52 13.78 22.72
C ALA C 275 14.59 14.10 23.76
N THR C 276 15.05 15.36 23.79
CA THR C 276 16.08 15.76 24.74
C THR C 276 15.56 15.85 26.18
N ASN C 277 14.24 15.85 26.34
CA ASN C 277 13.67 15.94 27.68
C ASN C 277 12.80 14.77 28.07
N LEU C 278 13.02 13.65 27.41
CA LEU C 278 12.27 12.44 27.72
C LEU C 278 13.31 11.38 28.02
N PRO C 279 12.90 10.29 28.68
CA PRO C 279 13.89 9.25 28.99
C PRO C 279 14.48 8.67 27.71
N ALA C 280 15.73 8.23 27.78
CA ALA C 280 16.41 7.65 26.63
C ALA C 280 15.65 6.41 26.11
N ASN C 281 15.87 6.07 24.85
CA ASN C 281 15.21 4.90 24.26
C ASN C 281 13.69 5.09 24.27
N SER C 282 13.25 6.32 24.08
CA SER C 282 11.83 6.63 24.05
C SER C 282 11.30 6.51 22.62
N HIS C 283 9.99 6.32 22.49
CA HIS C 283 9.36 6.21 21.18
C HIS C 283 8.36 7.35 20.99
N ILE C 284 8.68 8.25 20.07
CA ILE C 284 7.87 9.42 19.79
C ILE C 284 7.22 9.34 18.41
N VAL C 285 5.91 9.53 18.35
CA VAL C 285 5.16 9.48 17.09
C VAL C 285 4.65 10.86 16.68
N THR C 286 4.91 11.24 15.43
CA THR C 286 4.43 12.53 14.92
C THR C 286 3.75 12.35 13.56
N ILE C 287 3.21 13.44 13.01
CA ILE C 287 2.52 13.40 11.73
C ILE C 287 3.05 14.41 10.72
N PHE C 288 3.23 13.96 9.49
CA PHE C 288 3.70 14.82 8.40
C PHE C 288 2.44 15.00 7.54
N PRO C 289 1.72 16.12 7.73
CA PRO C 289 0.49 16.41 7.00
C PRO C 289 0.52 16.49 5.48
N ASP C 290 1.53 17.12 4.90
CA ASP C 290 1.59 17.20 3.44
C ASP C 290 3.00 17.31 2.88
N SER C 291 3.09 17.38 1.56
CA SER C 291 4.36 17.43 0.87
C SER C 291 4.89 18.84 0.67
N SER C 292 6.14 18.91 0.20
CA SER C 292 6.78 20.19 -0.07
C SER C 292 6.45 20.62 -1.49
N GLU C 293 6.18 19.65 -2.36
CA GLU C 293 5.85 19.91 -3.76
C GLU C 293 4.73 20.92 -3.90
N ARG C 294 3.87 20.99 -2.89
CA ARG C 294 2.74 21.89 -2.87
C ARG C 294 3.16 23.32 -2.48
N TYR C 295 4.46 23.52 -2.27
CA TYR C 295 4.99 24.81 -1.87
C TYR C 295 6.21 25.22 -2.67
N LEU C 296 6.43 24.55 -3.80
CA LEU C 296 7.58 24.85 -4.66
C LEU C 296 7.53 26.29 -5.13
N SER C 297 6.33 26.78 -5.43
CA SER C 297 6.15 28.15 -5.90
C SER C 297 6.41 29.14 -4.78
N GLN C 298 6.74 28.61 -3.60
CA GLN C 298 6.99 29.44 -2.43
C GLN C 298 8.44 29.33 -1.95
N LYS C 299 9.30 28.83 -2.83
CA LYS C 299 10.73 28.66 -2.50
C LYS C 299 10.91 28.03 -1.13
N ILE C 300 10.26 26.87 -0.92
CA ILE C 300 10.31 26.16 0.34
C ILE C 300 11.68 25.56 0.67
N TYR C 301 12.47 25.26 -0.35
CA TYR C 301 13.79 24.69 -0.15
C TYR C 301 14.90 25.74 -0.24
N THR C 302 14.51 27.01 -0.33
CA THR C 302 15.46 28.10 -0.46
C THR C 302 15.76 28.83 0.85
N LYS C 303 16.92 29.49 0.89
CA LYS C 303 17.39 30.25 2.05
C LYS C 303 17.53 29.39 3.30
N MET D 1 -29.64 11.20 64.81
CA MET D 1 -28.79 12.19 64.11
C MET D 1 -29.40 13.58 64.19
N LEU D 2 -28.54 14.60 64.27
CA LEU D 2 -28.98 15.99 64.36
C LEU D 2 -29.06 16.57 62.94
N ILE D 3 -30.21 17.12 62.57
CA ILE D 3 -30.36 17.70 61.24
C ILE D 3 -30.86 19.14 61.35
N GLN D 4 -30.69 19.92 60.29
CA GLN D 4 -31.09 21.33 60.29
C GLN D 4 -32.17 21.70 59.29
N HIS D 5 -32.34 20.88 58.25
CA HIS D 5 -33.35 21.15 57.23
C HIS D 5 -33.96 19.82 56.82
N VAL D 6 -35.26 19.83 56.54
CA VAL D 6 -35.96 18.60 56.15
C VAL D 6 -35.30 17.89 54.97
N GLN D 7 -34.74 18.66 54.04
CA GLN D 7 -34.10 18.12 52.85
C GLN D 7 -33.01 17.09 53.20
N GLU D 8 -32.42 17.22 54.39
CA GLU D 8 -31.38 16.28 54.82
C GLU D 8 -31.95 14.87 54.99
N LEU D 9 -33.27 14.79 55.13
CA LEU D 9 -33.92 13.49 55.30
C LEU D 9 -34.20 12.79 53.99
N ILE D 10 -33.96 13.48 52.87
CA ILE D 10 -34.22 12.87 51.59
C ILE D 10 -33.10 11.89 51.23
N GLY D 11 -33.48 10.69 50.79
CA GLY D 11 -32.46 9.73 50.41
C GLY D 11 -31.94 8.89 51.56
N HIS D 12 -30.92 8.08 51.27
CA HIS D 12 -30.31 7.20 52.26
C HIS D 12 -31.38 6.38 52.98
N THR D 13 -32.38 5.98 52.21
CA THR D 13 -33.48 5.20 52.73
C THR D 13 -32.98 3.79 53.01
N PRO D 14 -33.65 3.09 53.93
CA PRO D 14 -33.22 1.72 54.26
C PRO D 14 -33.39 0.74 53.10
N LEU D 15 -32.52 -0.26 53.08
CA LEU D 15 -32.62 -1.34 52.09
C LEU D 15 -32.99 -2.51 52.99
N MET D 16 -34.22 -3.01 52.87
CA MET D 16 -34.66 -4.10 53.73
C MET D 16 -34.65 -5.47 53.08
N ALA D 17 -33.95 -6.39 53.73
CA ALA D 17 -33.88 -7.77 53.27
C ALA D 17 -35.18 -8.36 53.82
N LEU D 18 -36.15 -8.58 52.94
CA LEU D 18 -37.46 -9.08 53.34
C LEU D 18 -37.44 -10.45 54.03
N PRO D 19 -37.91 -10.49 55.29
CA PRO D 19 -37.95 -11.75 56.04
C PRO D 19 -39.16 -12.58 55.65
N ILE D 20 -39.31 -12.83 54.35
CA ILE D 20 -40.44 -13.58 53.84
C ILE D 20 -39.99 -14.88 53.15
N GLU D 21 -40.96 -15.70 52.75
CA GLU D 21 -40.65 -16.93 52.04
C GLU D 21 -40.33 -16.57 50.61
N VAL D 22 -39.13 -16.91 50.16
CA VAL D 22 -38.74 -16.62 48.79
C VAL D 22 -38.37 -17.97 48.17
N PRO D 23 -38.80 -18.22 46.93
CA PRO D 23 -38.49 -19.49 46.29
C PRO D 23 -37.00 -19.73 46.05
N ASN D 24 -36.59 -20.99 46.07
CA ASN D 24 -35.20 -21.37 45.82
C ASN D 24 -34.14 -20.75 46.72
N HIS D 25 -34.49 -20.55 47.99
CA HIS D 25 -33.55 -19.98 48.95
C HIS D 25 -32.91 -18.72 48.40
N SER D 26 -33.71 -17.89 47.75
CA SER D 26 -33.22 -16.65 47.19
C SER D 26 -33.56 -15.49 48.12
N HIS D 27 -33.16 -14.28 47.74
CA HIS D 27 -33.42 -13.12 48.60
C HIS D 27 -33.95 -11.92 47.87
N ILE D 28 -34.87 -11.23 48.52
CA ILE D 28 -35.48 -10.04 47.97
C ILE D 28 -35.29 -8.88 48.94
N TYR D 29 -34.71 -7.78 48.44
CA TYR D 29 -34.47 -6.57 49.23
C TYR D 29 -35.28 -5.44 48.61
N ALA D 30 -35.78 -4.55 49.46
CA ALA D 30 -36.58 -3.43 48.98
C ALA D 30 -36.12 -2.10 49.55
N LYS D 31 -35.99 -1.10 48.68
CA LYS D 31 -35.61 0.22 49.16
C LYS D 31 -36.90 0.82 49.69
N LEU D 32 -36.92 1.18 50.96
CA LEU D 32 -38.12 1.74 51.56
C LEU D 32 -38.17 3.25 51.38
N GLU D 33 -38.63 3.67 50.21
CA GLU D 33 -38.70 5.08 49.88
C GLU D 33 -39.80 5.88 50.59
N MET D 34 -40.64 5.21 51.38
CA MET D 34 -41.70 5.93 52.08
C MET D 34 -41.15 6.68 53.28
N PHE D 35 -39.88 6.43 53.59
CA PHE D 35 -39.26 7.12 54.73
C PHE D 35 -38.71 8.50 54.35
N ASN D 36 -38.88 8.87 53.08
CA ASN D 36 -38.45 10.18 52.63
C ASN D 36 -39.40 11.14 53.35
N PRO D 37 -38.94 12.36 53.67
CA PRO D 37 -39.79 13.32 54.38
C PRO D 37 -41.14 13.62 53.73
N GLY D 38 -41.18 13.53 52.39
CA GLY D 38 -42.41 13.76 51.65
C GLY D 38 -43.25 12.50 51.52
N GLY D 39 -42.79 11.41 52.12
CA GLY D 39 -43.52 10.14 52.09
C GLY D 39 -43.42 9.30 50.82
N SER D 40 -42.56 9.68 49.89
CA SER D 40 -42.42 8.91 48.67
C SER D 40 -41.05 9.13 48.01
N ILE D 41 -40.74 8.29 47.03
CA ILE D 41 -39.49 8.37 46.30
C ILE D 41 -39.39 9.68 45.50
N ASP D 43 -39.48 12.57 46.43
CA ASP D 43 -38.76 13.65 47.08
C ASP D 43 -37.45 13.81 46.32
N ARG D 44 -36.91 12.68 45.85
CA ARG D 44 -35.65 12.67 45.10
C ARG D 44 -35.79 13.33 43.72
N LEU D 45 -36.92 13.10 43.06
CA LEU D 45 -37.17 13.68 41.74
C LEU D 45 -37.30 15.20 41.80
N GLY D 46 -38.19 15.67 42.67
CA GLY D 46 -38.41 17.10 42.81
C GLY D 46 -37.13 17.86 43.05
N ALA D 47 -36.35 17.39 44.02
CA ALA D 47 -35.10 18.05 44.34
C ALA D 47 -34.18 18.15 43.12
N TYR D 48 -34.04 17.06 42.39
CA TYR D 48 -33.17 17.04 41.21
C TYR D 48 -33.70 17.87 40.05
N LEU D 49 -34.99 17.76 39.78
CA LEU D 49 -35.62 18.51 38.69
C LEU D 49 -35.38 20.00 38.89
N ILE D 50 -35.45 20.47 40.13
CA ILE D 50 -35.23 21.88 40.41
C ILE D 50 -33.75 22.24 40.34
N GLU D 51 -32.92 21.35 40.85
CA GLU D 51 -31.48 21.59 40.82
C GLU D 51 -31.04 21.71 39.37
N ASP D 52 -31.56 20.82 38.53
CA ASP D 52 -31.24 20.79 37.12
C ASP D 52 -31.71 22.04 36.37
N GLY D 53 -32.91 22.50 36.68
CA GLY D 53 -33.44 23.70 36.04
C GLY D 53 -32.59 24.92 36.37
N LEU D 54 -32.16 25.01 37.62
CA LEU D 54 -31.33 26.14 38.04
C LEU D 54 -30.01 26.05 37.28
N GLN D 55 -29.46 24.84 37.22
CA GLN D 55 -28.19 24.62 36.53
C GLN D 55 -28.24 25.02 35.06
N ARG D 56 -29.28 24.58 34.35
CA ARG D 56 -29.42 24.88 32.93
C ARG D 56 -29.86 26.33 32.72
N GLY D 57 -29.95 27.08 33.79
CA GLY D 57 -30.36 28.48 33.69
C GLY D 57 -31.81 28.68 33.26
N ARG D 58 -32.61 27.62 33.32
CA ARG D 58 -34.02 27.75 32.93
C ARG D 58 -34.86 28.26 34.09
N VAL D 59 -34.25 28.48 35.25
CA VAL D 59 -34.97 28.95 36.42
C VAL D 59 -34.20 30.00 37.20
N ASN D 60 -34.91 31.03 37.67
CA ASN D 60 -34.29 32.07 38.49
C ASN D 60 -35.14 32.22 39.73
N ALA D 61 -34.74 33.10 40.64
CA ALA D 61 -35.46 33.27 41.91
C ALA D 61 -36.94 33.65 41.83
N LYS D 62 -37.34 34.36 40.79
CA LYS D 62 -38.74 34.79 40.67
C LYS D 62 -39.56 33.89 39.75
N THR D 63 -38.93 32.83 39.24
CA THR D 63 -39.60 31.93 38.32
C THR D 63 -40.79 31.15 38.89
N THR D 64 -41.80 30.94 38.06
CA THR D 64 -42.97 30.17 38.46
C THR D 64 -42.79 28.77 37.91
N ILE D 65 -42.73 27.78 38.80
CA ILE D 65 -42.58 26.38 38.41
C ILE D 65 -43.99 25.88 38.13
N ILE D 66 -44.19 25.22 36.99
CA ILE D 66 -45.50 24.67 36.63
C ILE D 66 -45.35 23.22 36.21
N GLU D 67 -46.03 22.31 36.91
CA GLU D 67 -45.91 20.91 36.57
C GLU D 67 -47.20 20.08 36.61
N PRO D 68 -47.44 19.32 35.54
CA PRO D 68 -48.66 18.49 35.54
C PRO D 68 -48.30 17.22 36.33
N THR D 69 -49.17 16.84 37.26
CA THR D 69 -48.92 15.66 38.07
C THR D 69 -50.23 15.04 38.52
N ALA D 70 -50.21 13.74 38.77
CA ALA D 70 -51.39 13.03 39.23
C ALA D 70 -51.16 12.47 40.63
N GLY D 71 -50.04 12.83 41.26
CA GLY D 71 -49.78 12.31 42.58
C GLY D 71 -48.54 12.76 43.33
N ASN D 72 -47.71 11.79 43.68
CA ASN D 72 -46.50 12.06 44.46
C ASN D 72 -45.54 13.09 43.89
N THR D 73 -45.38 13.12 42.57
CA THR D 73 -44.46 14.11 42.01
C THR D 73 -44.84 15.51 42.48
N GLY D 74 -46.14 15.75 42.64
CA GLY D 74 -46.58 17.04 43.10
C GLY D 74 -45.98 17.34 44.47
N ILE D 75 -46.06 16.36 45.38
CA ILE D 75 -45.53 16.51 46.74
C ILE D 75 -44.01 16.69 46.72
N GLY D 76 -43.33 15.77 46.03
CA GLY D 76 -41.88 15.85 45.95
C GLY D 76 -41.38 17.15 45.33
N LEU D 77 -42.07 17.62 44.29
CA LEU D 77 -41.70 18.87 43.63
C LEU D 77 -41.96 20.06 44.55
N ALA D 78 -43.12 20.07 45.20
CA ALA D 78 -43.50 21.15 46.09
C ALA D 78 -42.52 21.26 47.27
N LEU D 79 -42.00 20.12 47.71
CA LEU D 79 -41.05 20.07 48.81
C LEU D 79 -39.79 20.81 48.38
N ALA D 80 -39.32 20.49 47.18
CA ALA D 80 -38.12 21.10 46.62
C ALA D 80 -38.29 22.58 46.32
N THR D 81 -39.36 22.95 45.63
CA THR D 81 -39.59 24.34 45.27
C THR D 81 -39.69 25.19 46.52
N GLN D 82 -40.31 24.65 47.56
CA GLN D 82 -40.42 25.37 48.81
C GLN D 82 -39.04 25.65 49.39
N ALA D 83 -38.16 24.66 49.37
CA ALA D 83 -36.80 24.81 49.91
C ALA D 83 -36.04 25.93 49.19
N HIS D 84 -36.34 26.12 47.90
CA HIS D 84 -35.68 27.15 47.10
C HIS D 84 -36.51 28.44 47.00
N HIS D 85 -37.63 28.51 47.71
CA HIS D 85 -38.50 29.68 47.65
C HIS D 85 -38.96 30.00 46.22
N LEU D 86 -39.36 28.97 45.47
CA LEU D 86 -39.84 29.17 44.10
C LEU D 86 -41.36 28.99 44.01
N ARG D 87 -42.04 29.98 43.41
CA ARG D 87 -43.49 29.94 43.24
C ARG D 87 -43.91 28.68 42.49
N THR D 88 -44.97 28.03 42.94
CA THR D 88 -45.36 26.78 42.31
C THR D 88 -46.83 26.55 41.96
N ILE D 89 -47.06 26.13 40.72
CA ILE D 89 -48.40 25.82 40.27
C ILE D 89 -48.41 24.37 39.83
N LEU D 90 -49.28 23.56 40.43
CA LEU D 90 -49.37 22.16 40.05
C LEU D 90 -50.71 21.94 39.34
N VAL D 91 -50.66 21.29 38.18
CA VAL D 91 -51.86 21.03 37.42
C VAL D 91 -52.22 19.57 37.61
N VAL D 92 -53.34 19.30 38.29
CA VAL D 92 -53.75 17.92 38.55
C VAL D 92 -55.20 17.63 38.17
N PRO D 93 -55.44 16.43 37.62
CA PRO D 93 -56.82 16.05 37.23
C PRO D 93 -57.67 16.15 38.50
N GLU D 94 -58.81 16.82 38.39
CA GLU D 94 -59.70 17.08 39.52
C GLU D 94 -59.92 16.10 40.66
N LYS D 95 -60.28 14.86 40.36
CA LYS D 95 -60.54 13.90 41.43
C LYS D 95 -59.35 13.05 41.84
N PHE D 96 -58.27 13.13 41.07
CA PHE D 96 -57.08 12.33 41.34
C PHE D 96 -56.43 12.64 42.69
N SER D 97 -56.25 11.59 43.48
CA SER D 97 -55.62 11.65 44.80
C SER D 97 -55.91 12.91 45.62
N MET D 98 -56.95 12.85 46.45
CA MET D 98 -57.32 13.97 47.29
C MET D 98 -56.35 14.16 48.45
N GLU D 99 -55.87 13.06 49.02
CA GLU D 99 -54.92 13.13 50.13
C GLU D 99 -53.68 13.89 49.67
N LYS D 100 -53.08 13.43 48.57
CA LYS D 100 -51.89 14.05 48.04
C LYS D 100 -52.12 15.53 47.72
N GLN D 101 -53.29 15.85 47.18
CA GLN D 101 -53.61 17.24 46.85
C GLN D 101 -53.55 18.14 48.08
N VAL D 102 -54.04 17.63 49.20
CA VAL D 102 -54.02 18.40 50.44
C VAL D 102 -52.57 18.70 50.83
N LEU D 103 -51.70 17.71 50.67
CA LEU D 103 -50.28 17.86 51.01
C LEU D 103 -49.63 18.88 50.09
N MET D 104 -49.86 18.72 48.78
CA MET D 104 -49.31 19.64 47.78
C MET D 104 -49.62 21.09 48.14
N GLN D 105 -50.84 21.33 48.62
CA GLN D 105 -51.27 22.66 49.00
C GLN D 105 -50.64 23.04 50.32
N ALA D 106 -50.52 22.09 51.23
CA ALA D 106 -49.93 22.36 52.54
C ALA D 106 -48.48 22.80 52.33
N LEU D 107 -47.81 22.20 51.36
CA LEU D 107 -46.42 22.53 51.08
C LEU D 107 -46.24 23.81 50.27
N GLY D 108 -47.34 24.54 50.07
CA GLY D 108 -47.25 25.82 49.37
C GLY D 108 -47.55 25.91 47.90
N ALA D 109 -47.93 24.78 47.29
CA ALA D 109 -48.23 24.80 45.88
C ALA D 109 -49.68 25.26 45.67
N GLU D 110 -49.92 25.93 44.55
CA GLU D 110 -51.24 26.39 44.19
C GLU D 110 -51.71 25.42 43.11
N ILE D 111 -52.88 24.83 43.30
CA ILE D 111 -53.37 23.85 42.33
C ILE D 111 -54.40 24.35 41.31
N VAL D 112 -54.25 23.89 40.07
CA VAL D 112 -55.18 24.22 39.01
C VAL D 112 -55.73 22.88 38.52
N HIS D 113 -57.05 22.73 38.55
CA HIS D 113 -57.70 21.49 38.15
C HIS D 113 -58.06 21.39 36.67
N THR D 114 -57.98 20.18 36.16
CA THR D 114 -58.34 19.88 34.78
C THR D 114 -59.31 18.71 34.89
N PRO D 115 -60.25 18.55 33.94
CA PRO D 115 -61.22 17.46 33.96
C PRO D 115 -60.65 16.08 34.28
N SER D 116 -61.17 15.46 35.34
CA SER D 116 -60.71 14.14 35.75
C SER D 116 -60.74 13.15 34.60
N GLU D 117 -61.71 13.32 33.71
CA GLU D 117 -61.88 12.43 32.57
C GLU D 117 -60.76 12.55 31.56
N GLU D 118 -60.12 13.71 31.48
CA GLU D 118 -59.04 13.89 30.52
C GLU D 118 -57.72 13.35 31.05
N GLY D 119 -57.73 12.88 32.30
CA GLY D 119 -56.53 12.32 32.89
C GLY D 119 -55.30 13.19 32.90
N ILE D 120 -54.13 12.54 32.93
CA ILE D 120 -52.85 13.24 32.97
C ILE D 120 -52.59 14.03 31.69
N LYS D 121 -53.05 13.51 30.55
CA LYS D 121 -52.86 14.20 29.28
C LYS D 121 -53.48 15.58 29.35
N GLY D 122 -54.62 15.67 30.04
CA GLY D 122 -55.30 16.93 30.18
C GLY D 122 -54.45 17.92 30.96
N ALA D 123 -53.96 17.50 32.12
CA ALA D 123 -53.13 18.35 32.96
C ALA D 123 -51.90 18.83 32.19
N ILE D 124 -51.30 17.94 31.42
CA ILE D 124 -50.12 18.28 30.65
C ILE D 124 -50.43 19.43 29.67
N ARG D 125 -51.61 19.39 29.06
CA ARG D 125 -52.01 20.41 28.11
C ARG D 125 -52.21 21.75 28.83
N LYS D 126 -52.86 21.71 29.98
CA LYS D 126 -53.11 22.94 30.72
C LYS D 126 -51.83 23.54 31.27
N ALA D 127 -50.88 22.69 31.66
CA ALA D 127 -49.62 23.17 32.21
C ALA D 127 -48.86 23.95 31.16
N GLU D 128 -48.84 23.43 29.94
CA GLU D 128 -48.15 24.10 28.85
C GLU D 128 -48.91 25.38 28.49
N ALA D 129 -50.24 25.28 28.47
CA ALA D 129 -51.07 26.43 28.14
C ALA D 129 -50.76 27.54 29.15
N LEU D 130 -50.74 27.18 30.43
CA LEU D 130 -50.46 28.13 31.50
C LEU D 130 -49.05 28.71 31.38
N ALA D 131 -48.10 27.88 30.97
CA ALA D 131 -46.72 28.35 30.83
C ALA D 131 -46.64 29.47 29.79
N ALA D 132 -47.40 29.33 28.71
CA ALA D 132 -47.39 30.34 27.67
C ALA D 132 -47.94 31.68 28.18
N THR D 133 -48.72 31.67 29.25
CA THR D 133 -49.27 32.91 29.79
C THR D 133 -48.43 33.49 30.93
N ILE D 134 -47.29 32.88 31.19
CA ILE D 134 -46.40 33.35 32.25
C ILE D 134 -44.99 33.38 31.68
N SER D 135 -44.51 34.59 31.43
CA SER D 135 -43.19 34.81 30.86
C SER D 135 -42.09 34.05 31.60
N ASN D 136 -41.95 34.34 32.90
CA ASN D 136 -40.93 33.69 33.70
C ASN D 136 -41.43 32.40 34.33
N SER D 137 -41.54 31.36 33.51
CA SER D 137 -42.00 30.07 33.97
C SER D 137 -41.11 28.92 33.49
N TYR D 138 -41.24 27.78 34.15
CA TYR D 138 -40.47 26.60 33.78
C TYR D 138 -41.34 25.38 34.04
N VAL D 139 -41.43 24.51 33.04
CA VAL D 139 -42.22 23.28 33.18
C VAL D 139 -41.25 22.10 33.18
N PRO D 140 -40.94 21.55 34.35
CA PRO D 140 -40.02 20.41 34.44
C PRO D 140 -40.38 19.27 33.50
N MET D 141 -41.67 19.00 33.34
CA MET D 141 -42.12 17.94 32.46
C MET D 141 -41.41 16.62 32.75
N GLN D 142 -41.65 16.10 33.95
CA GLN D 142 -41.07 14.84 34.43
C GLN D 142 -41.19 13.67 33.45
N PHE D 143 -42.27 13.63 32.68
CA PHE D 143 -42.49 12.53 31.75
C PHE D 143 -41.53 12.46 30.56
N LYS D 144 -40.77 13.51 30.31
CA LYS D 144 -39.83 13.50 29.19
C LYS D 144 -38.45 13.99 29.56
N ASN D 145 -38.37 14.73 30.65
CA ASN D 145 -37.12 15.28 31.13
C ASN D 145 -36.07 14.22 31.51
N PRO D 146 -34.93 14.19 30.79
CA PRO D 146 -33.91 13.19 31.13
C PRO D 146 -33.41 13.36 32.56
N ALA D 147 -33.72 14.49 33.18
CA ALA D 147 -33.29 14.71 34.55
C ALA D 147 -34.03 13.77 35.50
N ASN D 148 -35.14 13.20 35.03
CA ASN D 148 -35.95 12.28 35.82
C ASN D 148 -35.12 11.01 36.12
N PRO D 149 -34.74 10.24 35.08
CA PRO D 149 -33.95 9.05 35.41
C PRO D 149 -32.66 9.40 36.15
N ALA D 150 -32.00 10.47 35.73
CA ALA D 150 -30.74 10.88 36.35
C ALA D 150 -30.85 11.11 37.86
N ALA D 151 -32.05 11.49 38.32
CA ALA D 151 -32.26 11.76 39.73
C ALA D 151 -31.96 10.55 40.61
N TYR D 152 -32.26 9.36 40.12
CA TYR D 152 -32.03 8.14 40.87
C TYR D 152 -30.66 7.50 40.54
N TYR D 153 -30.22 7.71 39.30
CA TYR D 153 -28.95 7.19 38.82
C TYR D 153 -27.77 7.58 39.73
N HIS D 154 -27.80 8.81 40.24
CA HIS D 154 -26.71 9.29 41.09
C HIS D 154 -26.95 9.20 42.59
N THR D 155 -28.14 8.76 42.99
CA THR D 155 -28.43 8.68 44.42
C THR D 155 -28.88 7.29 44.86
N LEU D 156 -30.13 6.96 44.57
CA LEU D 156 -30.73 5.69 44.91
C LEU D 156 -29.87 4.48 44.49
N ALA D 157 -29.45 4.45 43.22
CA ALA D 157 -28.65 3.33 42.70
C ALA D 157 -27.39 3.06 43.53
N PRO D 158 -26.51 4.06 43.70
CA PRO D 158 -25.31 3.84 44.51
C PRO D 158 -25.65 3.39 45.94
N GLU D 159 -26.76 3.92 46.47
CA GLU D 159 -27.18 3.56 47.83
C GLU D 159 -27.42 2.05 47.92
N ILE D 160 -28.10 1.51 46.91
CA ILE D 160 -28.39 0.09 46.86
C ILE D 160 -27.08 -0.70 46.94
N LEU D 161 -26.11 -0.34 46.10
CA LEU D 161 -24.82 -1.02 46.07
C LEU D 161 -24.07 -0.92 47.38
N ALA D 162 -24.23 0.18 48.09
CA ALA D 162 -23.54 0.36 49.37
C ALA D 162 -24.10 -0.54 50.48
N ASP D 163 -25.36 -0.93 50.39
CA ASP D 163 -25.96 -1.77 51.42
C ASP D 163 -26.10 -3.25 51.04
N MET D 164 -25.98 -3.56 49.76
CA MET D 164 -26.14 -4.96 49.30
C MET D 164 -25.04 -5.88 49.82
N PRO D 165 -25.41 -7.06 50.33
CA PRO D 165 -24.45 -8.02 50.87
C PRO D 165 -23.94 -9.00 49.81
N ALA D 166 -24.42 -8.86 48.58
CA ALA D 166 -24.02 -9.76 47.51
C ALA D 166 -24.27 -9.09 46.17
N PRO D 167 -23.72 -9.65 45.09
CA PRO D 167 -23.96 -9.04 43.77
C PRO D 167 -25.46 -9.08 43.49
N ILE D 168 -25.96 -8.20 42.63
CA ILE D 168 -27.39 -8.18 42.34
C ILE D 168 -27.73 -9.03 41.12
N THR D 169 -28.47 -10.12 41.34
CA THR D 169 -28.87 -10.99 40.24
C THR D 169 -29.86 -10.25 39.35
N ALA D 170 -30.83 -9.60 39.96
CA ALA D 170 -31.84 -8.87 39.22
C ALA D 170 -32.43 -7.67 39.96
N PHE D 171 -32.65 -6.60 39.22
CA PHE D 171 -33.26 -5.38 39.76
C PHE D 171 -34.67 -5.35 39.20
N VAL D 172 -35.66 -5.18 40.07
CA VAL D 172 -37.06 -5.14 39.68
C VAL D 172 -37.72 -3.85 40.14
N ALA D 173 -38.46 -3.18 39.26
CA ALA D 173 -39.16 -1.95 39.64
C ALA D 173 -40.32 -1.62 38.71
N GLY D 174 -41.41 -1.14 39.28
CA GLY D 174 -42.55 -0.78 38.46
C GLY D 174 -42.28 0.51 37.71
N ALA D 175 -42.95 0.70 36.58
CA ALA D 175 -42.73 1.91 35.79
C ALA D 175 -43.98 2.74 35.53
N GLY D 176 -43.89 4.02 35.86
CA GLY D 176 -44.96 4.97 35.61
C GLY D 176 -44.37 5.79 34.48
N SER D 177 -43.54 6.75 34.82
CA SER D 177 -42.86 7.57 33.80
C SER D 177 -41.69 6.73 33.29
N GLY D 178 -41.27 5.75 34.09
CA GLY D 178 -40.17 4.88 33.72
C GLY D 178 -38.84 5.38 34.25
N GLY D 179 -38.88 6.57 34.86
CA GLY D 179 -37.66 7.16 35.40
C GLY D 179 -36.91 6.34 36.42
N THR D 180 -37.61 5.91 37.47
CA THR D 180 -37.01 5.11 38.53
C THR D 180 -36.31 3.88 37.97
N PHE D 181 -37.06 3.06 37.23
CA PHE D 181 -36.48 1.86 36.67
C PHE D 181 -35.28 2.18 35.78
N ALA D 182 -35.48 3.07 34.81
CA ALA D 182 -34.42 3.45 33.88
C ALA D 182 -33.15 3.98 34.56
N GLY D 183 -33.33 4.90 35.50
CA GLY D 183 -32.18 5.47 36.17
C GLY D 183 -31.38 4.48 36.99
N VAL D 184 -32.07 3.75 37.86
CA VAL D 184 -31.43 2.76 38.73
C VAL D 184 -30.83 1.60 37.95
N ALA D 185 -31.59 1.08 37.00
CA ALA D 185 -31.11 -0.02 36.18
C ALA D 185 -29.90 0.36 35.34
N ALA D 186 -29.87 1.60 34.85
CA ALA D 186 -28.73 2.03 34.05
C ALA D 186 -27.46 2.01 34.86
N TYR D 187 -27.53 2.52 36.08
CA TYR D 187 -26.34 2.57 36.94
C TYR D 187 -25.91 1.19 37.40
N LEU D 188 -26.85 0.37 37.85
CA LEU D 188 -26.50 -0.96 38.31
C LEU D 188 -25.82 -1.79 37.21
N GLN D 189 -26.33 -1.67 35.98
CA GLN D 189 -25.76 -2.41 34.87
C GLN D 189 -24.39 -1.86 34.47
N ALA D 190 -24.17 -0.57 34.71
CA ALA D 190 -22.89 0.06 34.39
C ALA D 190 -21.82 -0.37 35.38
N GLN D 191 -22.25 -0.96 36.49
CA GLN D 191 -21.30 -1.44 37.50
C GLN D 191 -21.16 -2.96 37.38
N ASP D 192 -22.16 -3.59 36.78
CA ASP D 192 -22.16 -5.03 36.60
C ASP D 192 -23.18 -5.39 35.53
N SER D 193 -22.72 -5.49 34.28
CA SER D 193 -23.60 -5.80 33.16
C SER D 193 -24.40 -7.08 33.34
N ALA D 194 -23.94 -7.96 34.22
CA ALA D 194 -24.63 -9.21 34.46
C ALA D 194 -25.95 -9.01 35.22
N THR D 195 -26.10 -7.85 35.85
CA THR D 195 -27.34 -7.57 36.57
C THR D 195 -28.52 -7.48 35.61
N LYS D 196 -29.55 -8.28 35.88
CA LYS D 196 -30.74 -8.27 35.04
C LYS D 196 -31.63 -7.10 35.43
N ALA D 197 -32.30 -6.53 34.43
CA ALA D 197 -33.21 -5.40 34.68
C ALA D 197 -34.61 -5.83 34.24
N VAL D 198 -35.54 -5.84 35.18
CA VAL D 198 -36.91 -6.26 34.89
C VAL D 198 -37.93 -5.16 35.17
N VAL D 199 -38.68 -4.77 34.13
CA VAL D 199 -39.71 -3.75 34.23
C VAL D 199 -41.01 -4.38 34.69
N VAL D 200 -41.72 -3.68 35.56
CA VAL D 200 -42.99 -4.17 36.06
C VAL D 200 -44.11 -3.19 35.72
N GLU D 201 -45.26 -3.73 35.34
CA GLU D 201 -46.39 -2.89 35.00
C GLU D 201 -47.69 -3.46 35.56
N PRO D 202 -48.54 -2.59 36.12
CA PRO D 202 -49.82 -2.96 36.71
C PRO D 202 -50.86 -3.41 35.71
N GLU D 203 -52.04 -3.78 36.24
CA GLU D 203 -53.16 -4.25 35.43
C GLU D 203 -53.44 -3.32 34.26
N GLY D 204 -53.14 -3.79 33.05
CA GLY D 204 -53.37 -2.99 31.87
C GLY D 204 -52.27 -1.97 31.55
N SER D 205 -51.30 -2.39 30.76
CA SER D 205 -50.20 -1.51 30.38
C SER D 205 -49.85 -1.76 28.91
N ILE D 206 -49.16 -0.80 28.29
CA ILE D 206 -48.79 -0.92 26.88
C ILE D 206 -47.45 -1.63 26.65
N LEU D 207 -46.55 -1.58 27.64
CA LEU D 207 -45.24 -2.21 27.48
C LEU D 207 -45.31 -3.68 27.03
N ASN D 208 -45.96 -4.52 27.82
CA ASN D 208 -46.08 -5.94 27.48
C ASN D 208 -46.98 -6.15 26.27
N GLY D 209 -47.42 -5.06 25.66
CA GLY D 209 -48.28 -5.14 24.49
C GLY D 209 -49.54 -5.97 24.69
N GLY D 210 -50.43 -5.50 25.56
CA GLY D 210 -51.65 -6.23 25.81
C GLY D 210 -52.83 -5.32 26.10
N PRO D 211 -53.99 -5.90 26.51
CA PRO D 211 -55.20 -5.14 26.82
C PRO D 211 -54.92 -3.86 27.62
N ALA D 212 -55.30 -2.71 27.04
CA ALA D 212 -55.10 -1.42 27.68
C ALA D 212 -56.35 -0.98 28.44
N HIS D 213 -56.18 -0.65 29.71
CA HIS D 213 -57.29 -0.22 30.55
C HIS D 213 -56.82 0.39 31.88
N ALA D 214 -57.79 0.81 32.69
CA ALA D 214 -57.49 1.41 33.99
C ALA D 214 -57.21 0.32 35.03
N HIS D 215 -56.24 0.58 35.90
CA HIS D 215 -55.87 -0.39 36.93
C HIS D 215 -56.21 0.10 38.34
N ARG D 216 -55.98 -0.76 39.33
CA ARG D 216 -56.24 -0.45 40.72
C ARG D 216 -54.92 -0.04 41.38
N THR D 217 -53.82 -0.50 40.80
CA THR D 217 -52.48 -0.18 41.31
C THR D 217 -52.21 1.30 41.04
N GLU D 218 -51.89 2.05 42.10
CA GLU D 218 -51.64 3.48 41.98
C GLU D 218 -50.18 3.83 41.75
N GLY D 219 -49.95 4.93 41.01
CA GLY D 219 -48.60 5.37 40.74
C GLY D 219 -48.03 4.93 39.40
N ILE D 220 -48.07 3.62 39.13
CA ILE D 220 -47.54 3.09 37.89
C ILE D 220 -48.57 3.13 36.77
N GLY D 221 -48.13 2.71 35.58
CA GLY D 221 -49.00 2.70 34.42
C GLY D 221 -48.34 3.36 33.23
N VAL D 222 -48.16 2.60 32.15
CA VAL D 222 -47.53 3.12 30.93
C VAL D 222 -48.54 3.27 29.78
N GLU D 223 -48.57 4.46 29.19
CA GLU D 223 -49.48 4.74 28.07
C GLU D 223 -48.75 4.44 26.75
N PHE D 224 -47.42 4.46 26.83
CA PHE D 224 -46.56 4.20 25.67
C PHE D 224 -45.12 4.06 26.20
N ILE D 225 -44.35 3.18 25.58
CA ILE D 225 -42.97 2.94 25.99
C ILE D 225 -42.21 4.22 26.35
N PRO D 226 -41.85 4.39 27.63
CA PRO D 226 -41.11 5.57 28.07
C PRO D 226 -39.84 5.78 27.25
N PRO D 227 -39.37 7.03 27.14
CA PRO D 227 -38.16 7.35 26.37
C PRO D 227 -36.86 7.05 27.12
N PHE D 228 -36.97 6.81 28.42
CA PHE D 228 -35.80 6.53 29.25
C PHE D 228 -35.25 5.11 29.13
N PHE D 229 -36.06 4.19 28.61
CA PHE D 229 -35.66 2.78 28.47
C PHE D 229 -34.53 2.48 27.50
N ASP D 230 -34.02 3.51 26.82
CA ASP D 230 -32.95 3.31 25.86
C ASP D 230 -31.61 3.10 26.57
N GLN D 231 -31.47 3.69 27.75
CA GLN D 231 -30.23 3.56 28.53
C GLN D 231 -30.16 2.25 29.29
N VAL D 232 -31.08 1.33 29.02
CA VAL D 232 -31.10 0.06 29.73
C VAL D 232 -31.30 -1.16 28.84
N ARG D 233 -30.79 -2.30 29.31
CA ARG D 233 -30.96 -3.56 28.62
C ARG D 233 -32.06 -4.24 29.43
N ILE D 234 -33.28 -4.11 28.96
CA ILE D 234 -34.44 -4.68 29.64
C ILE D 234 -34.56 -6.18 29.37
N ASP D 235 -34.13 -6.97 30.34
CA ASP D 235 -34.17 -8.41 30.20
C ASP D 235 -35.59 -9.00 30.21
N GLN D 236 -36.53 -8.29 30.80
CA GLN D 236 -37.89 -8.81 30.86
C GLN D 236 -38.89 -7.82 31.44
N THR D 237 -40.15 -8.00 31.07
CA THR D 237 -41.25 -7.15 31.53
C THR D 237 -42.35 -8.05 32.10
N LEU D 238 -42.71 -7.82 33.36
CA LEU D 238 -43.75 -8.63 33.98
C LEU D 238 -45.02 -7.80 34.17
N THR D 239 -46.16 -8.43 33.91
CA THR D 239 -47.44 -7.76 34.07
C THR D 239 -48.03 -8.34 35.35
N ILE D 240 -48.43 -7.47 36.26
CA ILE D 240 -48.97 -7.93 37.53
C ILE D 240 -50.43 -7.54 37.72
N ALA D 241 -51.25 -8.51 38.08
CA ALA D 241 -52.67 -8.28 38.29
C ALA D 241 -52.89 -7.53 39.60
N ASP D 242 -53.86 -6.63 39.61
CA ASP D 242 -54.15 -5.85 40.80
C ASP D 242 -54.34 -6.74 42.01
N ASN D 243 -54.99 -7.88 41.82
CA ASN D 243 -55.21 -8.80 42.93
C ASN D 243 -53.92 -9.32 43.53
N ASP D 244 -52.91 -9.57 42.70
CA ASP D 244 -51.63 -10.05 43.20
C ASP D 244 -50.99 -8.93 44.02
N ALA D 245 -50.98 -7.73 43.45
CA ALA D 245 -50.40 -6.56 44.08
C ALA D 245 -51.03 -6.23 45.42
N PHE D 246 -52.36 -6.13 45.45
CA PHE D 246 -53.05 -5.79 46.68
C PHE D 246 -52.97 -6.90 47.72
N ALA D 247 -52.71 -8.12 47.28
CA ALA D 247 -52.59 -9.23 48.20
C ALA D 247 -51.25 -9.04 48.94
N GLN D 248 -50.23 -8.65 48.21
CA GLN D 248 -48.92 -8.42 48.80
C GLN D 248 -49.01 -7.27 49.81
N VAL D 249 -49.77 -6.24 49.46
CA VAL D 249 -49.95 -5.10 50.35
C VAL D 249 -50.55 -5.60 51.67
N ARG D 250 -51.53 -6.49 51.57
CA ARG D 250 -52.20 -7.05 52.73
C ARG D 250 -51.28 -7.98 53.53
N HIS D 251 -50.62 -8.90 52.82
CA HIS D 251 -49.72 -9.86 53.45
C HIS D 251 -48.59 -9.16 54.21
N LEU D 252 -47.92 -8.19 53.59
CA LEU D 252 -46.82 -7.49 54.24
C LEU D 252 -47.18 -6.70 55.50
N ALA D 253 -48.38 -6.13 55.53
CA ALA D 253 -48.77 -5.36 56.71
C ALA D 253 -49.12 -6.33 57.84
N ARG D 254 -49.82 -7.40 57.46
CA ARG D 254 -50.29 -8.44 58.38
C ARG D 254 -49.17 -9.26 59.02
N ASP D 255 -48.20 -9.67 58.20
CA ASP D 255 -47.11 -10.53 58.68
C ASP D 255 -45.75 -9.89 58.92
N HIS D 256 -45.50 -8.69 58.40
CA HIS D 256 -44.18 -8.10 58.60
C HIS D 256 -44.13 -6.65 59.02
N GLY D 257 -45.28 -6.11 59.44
CA GLY D 257 -45.32 -4.72 59.89
C GLY D 257 -44.97 -3.68 58.85
N LEU D 258 -44.99 -4.06 57.58
CA LEU D 258 -44.65 -3.13 56.49
C LEU D 258 -45.89 -2.55 55.81
N LEU D 259 -46.12 -1.25 56.00
CA LEU D 259 -47.25 -0.55 55.40
C LEU D 259 -46.78 -0.01 54.05
N ILE D 260 -47.15 -0.71 52.97
CA ILE D 260 -46.72 -0.34 51.62
C ILE D 260 -47.85 -0.01 50.63
N GLY D 261 -47.54 0.81 49.63
CA GLY D 261 -48.53 1.17 48.63
C GLY D 261 -48.77 0.03 47.66
N SER D 262 -49.78 0.16 46.80
CA SER D 262 -50.10 -0.90 45.86
C SER D 262 -49.02 -1.11 44.79
N SER D 263 -48.32 -0.05 44.37
CA SER D 263 -47.28 -0.23 43.37
C SER D 263 -46.15 -1.02 44.02
N SER D 264 -46.04 -0.91 45.35
CA SER D 264 -45.02 -1.64 46.08
C SER D 264 -45.41 -3.12 46.04
N GLY D 265 -46.69 -3.38 46.26
CA GLY D 265 -47.17 -4.76 46.23
C GLY D 265 -46.90 -5.40 44.88
N ALA D 266 -47.16 -4.66 43.81
CA ALA D 266 -46.93 -5.17 42.46
C ALA D 266 -45.46 -5.56 42.30
N ALA D 267 -44.57 -4.67 42.74
CA ALA D 267 -43.12 -4.87 42.66
C ALA D 267 -42.71 -6.14 43.40
N LEU D 268 -43.26 -6.36 44.59
CA LEU D 268 -42.95 -7.56 45.35
C LEU D 268 -43.49 -8.79 44.62
N ALA D 269 -44.74 -8.72 44.17
CA ALA D 269 -45.36 -9.83 43.47
C ALA D 269 -44.51 -10.24 42.27
N ALA D 270 -44.00 -9.24 41.55
CA ALA D 270 -43.16 -9.50 40.38
C ALA D 270 -41.84 -10.15 40.82
N SER D 271 -41.24 -9.63 41.89
CA SER D 271 -39.99 -10.16 42.42
C SER D 271 -40.12 -11.63 42.83
N LEU D 272 -41.19 -11.97 43.53
CA LEU D 272 -41.39 -13.34 43.97
C LEU D 272 -41.51 -14.25 42.74
N GLN D 273 -42.20 -13.74 41.71
CA GLN D 273 -42.37 -14.47 40.47
C GLN D 273 -41.02 -14.70 39.80
N LEU D 274 -40.23 -13.64 39.73
CA LEU D 274 -38.91 -13.74 39.11
C LEU D 274 -38.04 -14.75 39.84
N ALA D 275 -38.23 -14.84 41.15
CA ALA D 275 -37.46 -15.75 41.98
C ALA D 275 -37.60 -17.20 41.53
N THR D 276 -38.82 -17.63 41.17
CA THR D 276 -39.02 -19.01 40.75
C THR D 276 -38.37 -19.28 39.40
N ASN D 277 -38.03 -18.23 38.66
CA ASN D 277 -37.41 -18.40 37.36
C ASN D 277 -35.94 -18.01 37.35
N LEU D 278 -35.33 -17.92 38.52
CA LEU D 278 -33.93 -17.56 38.60
C LEU D 278 -33.20 -18.61 39.40
N PRO D 279 -31.89 -18.76 39.17
CA PRO D 279 -31.10 -19.75 39.90
C PRO D 279 -31.29 -19.62 41.40
N ALA D 280 -31.05 -20.71 42.14
CA ALA D 280 -31.17 -20.72 43.58
C ALA D 280 -30.20 -19.72 44.20
N ASN D 281 -30.52 -19.26 45.40
CA ASN D 281 -29.66 -18.30 46.09
C ASN D 281 -29.38 -17.04 45.26
N SER D 282 -30.41 -16.52 44.61
CA SER D 282 -30.27 -15.30 43.83
C SER D 282 -30.56 -14.10 44.76
N HIS D 283 -30.11 -12.92 44.36
CA HIS D 283 -30.35 -11.73 45.15
C HIS D 283 -31.09 -10.71 44.29
N ILE D 284 -32.33 -10.44 44.67
CA ILE D 284 -33.20 -9.54 43.94
C ILE D 284 -33.51 -8.23 44.68
N VAL D 285 -33.32 -7.11 43.99
CA VAL D 285 -33.58 -5.80 44.57
C VAL D 285 -34.74 -5.09 43.91
N THR D 286 -35.69 -4.62 44.72
CA THR D 286 -36.85 -3.90 44.20
C THR D 286 -37.01 -2.59 44.97
N ILE D 287 -38.01 -1.79 44.59
CA ILE D 287 -38.25 -0.50 45.22
C ILE D 287 -39.70 -0.31 45.64
N PHE D 288 -39.91 0.20 46.86
CA PHE D 288 -41.24 0.46 47.40
C PHE D 288 -41.33 2.00 47.43
N PRO D 289 -41.91 2.60 46.39
CA PRO D 289 -42.06 4.06 46.25
C PRO D 289 -42.76 4.85 47.35
N ASP D 290 -43.81 4.28 47.94
CA ASP D 290 -44.52 4.97 49.00
C ASP D 290 -45.29 4.02 49.91
N SER D 291 -45.92 4.59 50.93
CA SER D 291 -46.67 3.83 51.91
C SER D 291 -48.15 3.66 51.54
N SER D 292 -48.85 2.81 52.29
CA SER D 292 -50.26 2.59 52.04
C SER D 292 -51.07 3.72 52.69
N GLU D 293 -50.39 4.50 53.52
CA GLU D 293 -50.99 5.61 54.26
C GLU D 293 -51.83 6.58 53.43
N ARG D 294 -51.37 6.95 52.23
CA ARG D 294 -52.14 7.88 51.42
C ARG D 294 -53.21 7.21 50.55
N TYR D 295 -53.50 5.95 50.84
CA TYR D 295 -54.52 5.22 50.08
C TYR D 295 -55.56 4.64 51.01
N LEU D 296 -55.53 5.07 52.26
CA LEU D 296 -56.49 4.60 53.25
C LEU D 296 -57.88 5.05 52.79
N SER D 297 -57.98 6.27 52.27
CA SER D 297 -59.24 6.81 51.80
C SER D 297 -59.65 6.13 50.49
N GLN D 298 -59.09 4.96 50.23
CA GLN D 298 -59.41 4.24 49.01
C GLN D 298 -59.47 2.73 49.28
N LYS D 299 -59.66 2.39 50.56
CA LYS D 299 -59.77 1.01 51.00
C LYS D 299 -58.68 0.09 50.44
N ILE D 300 -57.44 0.54 50.50
CA ILE D 300 -56.31 -0.24 50.01
C ILE D 300 -56.18 -1.57 50.75
N TYR D 301 -56.74 -1.65 51.95
CA TYR D 301 -56.66 -2.87 52.74
C TYR D 301 -57.91 -3.76 52.70
N THR D 302 -58.86 -3.45 51.81
CA THR D 302 -60.08 -4.24 51.72
C THR D 302 -60.13 -5.15 50.50
N LYS D 303 -61.11 -6.06 50.49
CA LYS D 303 -61.33 -7.00 49.39
C LYS D 303 -60.23 -8.06 49.35
#